data_1KET
#
_entry.id   1KET
#
_cell.length_a   62.347
_cell.length_b   98.994
_cell.length_c   184.643
_cell.angle_alpha   90.00
_cell.angle_beta   90.00
_cell.angle_gamma   90.00
#
_symmetry.space_group_name_H-M   'P 21 21 21'
#
loop_
_entity.id
_entity.type
_entity.pdbx_description
1 polymer 'dTDP-D-glucose 4,6-dehydratase'
2 non-polymer "THYMIDINE-5'-DIPHOSPHATE"
3 non-polymer NICOTINAMIDE-ADENINE-DINUCLEOTIDE
4 water water
#
_entity_poly.entity_id   1
_entity_poly.type   'polypeptide(L)'
_entity_poly.pdbx_seq_one_letter_code
;MSQFKNIIVTGGAGFIGSNFVHYVYNNHPDVHVTVLDKLTYAGNKANLEAILGDRVELVVGDIADAELVDKLAAKADAIV
HYAAESHNDNSLNDPSPFIHTNFIGTYTLLEAARKYDIRFHHVSTDEVYGDLPLREDLPGHGEGPGEKFTAETNYNPSSP
YSSTKAASDLIVKAWVRSFGVKATISNCSNNYGPYQHIEKFIPRQITNILAGIKPKLYGEGKNVRDWIHTNDHSTGVWAI
LTKGRMGETYLIGADGEKNNKEVLELILEKMGQPKDAYDHVTDRAGHDLRYAIDASKLRDELGWTPQFTDFSEGLEETIQ
WYTDNQDWWKAEKEAVEANYAKTQEVIK
;
_entity_poly.pdbx_strand_id   A,B
#
# COMPACT_ATOMS: atom_id res chain seq x y z
N GLN A 3 3.73 30.50 4.76
CA GLN A 3 2.38 30.95 4.31
C GLN A 3 1.25 30.25 5.07
N PHE A 4 1.56 29.78 6.28
CA PHE A 4 0.59 29.11 7.15
C PHE A 4 0.76 29.67 8.57
N LYS A 5 -0.36 29.86 9.27
CA LYS A 5 -0.31 30.45 10.61
C LYS A 5 -0.70 29.54 11.77
N ASN A 6 -1.42 28.46 11.48
CA ASN A 6 -1.87 27.54 12.51
C ASN A 6 -1.72 26.10 12.00
N ILE A 7 -0.57 25.50 12.25
CA ILE A 7 -0.33 24.15 11.76
C ILE A 7 -0.40 23.07 12.83
N ILE A 8 -0.79 21.88 12.41
CA ILE A 8 -0.85 20.73 13.29
C ILE A 8 0.32 19.85 12.91
N VAL A 9 1.11 19.43 13.90
CA VAL A 9 2.23 18.54 13.63
C VAL A 9 1.97 17.24 14.39
N THR A 10 1.62 16.17 13.66
CA THR A 10 1.37 14.89 14.31
C THR A 10 2.71 14.23 14.62
N GLY A 11 2.76 13.47 15.72
CA GLY A 11 4.00 12.80 16.10
C GLY A 11 5.10 13.77 16.52
N GLY A 12 4.70 14.98 16.91
CA GLY A 12 5.65 16.00 17.31
C GLY A 12 6.40 15.83 18.61
N ALA A 13 6.11 14.77 19.37
CA ALA A 13 6.82 14.53 20.61
C ALA A 13 7.86 13.43 20.42
N GLY A 14 8.06 13.02 19.17
CA GLY A 14 9.04 12.00 18.84
C GLY A 14 10.36 12.60 18.37
N PHE A 15 11.24 11.78 17.79
CA PHE A 15 12.55 12.24 17.34
C PHE A 15 12.56 13.31 16.24
N ILE A 16 12.20 12.91 15.03
CA ILE A 16 12.21 13.82 13.88
C ILE A 16 11.17 14.93 13.99
N GLY A 17 9.99 14.59 14.50
CA GLY A 17 8.92 15.56 14.65
C GLY A 17 9.22 16.65 15.66
N SER A 18 9.76 16.28 16.82
CA SER A 18 10.08 17.30 17.83
C SER A 18 11.16 18.23 17.29
N ASN A 19 12.09 17.68 16.51
CA ASN A 19 13.15 18.52 15.94
C ASN A 19 12.55 19.54 14.96
N PHE A 20 11.51 19.13 14.22
CA PHE A 20 10.84 20.04 13.30
C PHE A 20 10.13 21.14 14.09
N VAL A 21 9.48 20.76 15.20
CA VAL A 21 8.79 21.75 16.03
C VAL A 21 9.78 22.79 16.56
N HIS A 22 10.97 22.35 16.97
CA HIS A 22 12.00 23.27 17.47
C HIS A 22 12.40 24.21 16.31
N TYR A 23 12.52 23.66 15.11
CA TYR A 23 12.88 24.46 13.94
C TYR A 23 11.88 25.61 13.73
N VAL A 24 10.59 25.29 13.80
CA VAL A 24 9.54 26.29 13.61
C VAL A 24 9.55 27.33 14.73
N TYR A 25 9.68 26.86 15.96
CA TYR A 25 9.71 27.73 17.15
C TYR A 25 10.82 28.78 17.06
N ASN A 26 11.95 28.37 16.53
CA ASN A 26 13.11 29.25 16.42
C ASN A 26 13.17 30.15 15.18
N ASN A 27 12.79 29.60 14.02
CA ASN A 27 12.88 30.36 12.77
C ASN A 27 11.60 31.00 12.23
N HIS A 28 10.44 30.60 12.76
CA HIS A 28 9.16 31.14 12.30
C HIS A 28 8.25 31.40 13.50
N PRO A 29 8.63 32.35 14.37
CA PRO A 29 7.88 32.73 15.58
C PRO A 29 6.47 33.25 15.35
N ASP A 30 6.09 33.49 14.10
CA ASP A 30 4.76 33.98 13.79
C ASP A 30 3.77 32.83 13.58
N VAL A 31 4.29 31.60 13.59
CA VAL A 31 3.46 30.42 13.37
C VAL A 31 3.08 29.73 14.69
N HIS A 32 1.82 29.32 14.80
CA HIS A 32 1.39 28.61 16.00
C HIS A 32 1.39 27.12 15.66
N VAL A 33 1.93 26.31 16.56
CA VAL A 33 2.00 24.87 16.35
C VAL A 33 1.18 24.10 17.38
N THR A 34 0.34 23.18 16.90
CA THR A 34 -0.44 22.33 17.78
C THR A 34 0.07 20.91 17.54
N VAL A 35 0.73 20.34 18.54
CA VAL A 35 1.25 18.97 18.42
C VAL A 35 0.20 17.94 18.83
N LEU A 36 -0.01 16.93 17.99
CA LEU A 36 -0.94 15.84 18.33
C LEU A 36 -0.07 14.60 18.44
N ASP A 37 0.05 14.06 19.65
CA ASP A 37 0.89 12.90 19.88
C ASP A 37 0.28 11.97 20.93
N LYS A 38 0.31 10.68 20.66
CA LYS A 38 -0.28 9.66 21.55
C LYS A 38 0.61 9.28 22.74
N LEU A 39 1.86 9.69 22.70
CA LEU A 39 2.82 9.38 23.74
C LEU A 39 2.98 7.87 23.96
N THR A 40 3.38 7.17 22.89
CA THR A 40 3.62 5.73 22.99
C THR A 40 5.00 5.63 23.64
N TYR A 41 5.60 4.45 23.60
CA TYR A 41 6.92 4.25 24.20
C TYR A 41 7.92 5.25 23.60
N ALA A 42 7.66 5.71 22.37
CA ALA A 42 8.56 6.63 21.68
C ALA A 42 8.27 8.12 21.85
N GLY A 43 7.11 8.45 22.43
CA GLY A 43 6.75 9.85 22.65
C GLY A 43 7.32 10.33 23.98
N ASN A 44 7.83 11.55 24.02
CA ASN A 44 8.44 12.06 25.25
C ASN A 44 8.18 13.55 25.47
N LYS A 45 7.45 13.89 26.54
CA LYS A 45 7.17 15.29 26.82
C LYS A 45 8.44 16.12 26.99
N ALA A 46 9.53 15.47 27.42
CA ALA A 46 10.79 16.20 27.61
C ALA A 46 11.35 16.79 26.30
N ASN A 47 10.95 16.23 25.17
CA ASN A 47 11.42 16.73 23.88
C ASN A 47 10.81 18.08 23.53
N LEU A 48 9.77 18.48 24.28
CA LEU A 48 9.07 19.73 24.02
C LEU A 48 8.85 20.64 25.24
N GLU A 49 8.96 20.08 26.44
CA GLU A 49 8.69 20.84 27.66
C GLU A 49 9.22 22.27 27.75
N ALA A 50 10.47 22.49 27.35
CA ALA A 50 11.08 23.82 27.44
C ALA A 50 10.55 24.87 26.45
N ILE A 51 9.89 24.43 25.38
CA ILE A 51 9.38 25.38 24.41
C ILE A 51 7.85 25.50 24.34
N LEU A 52 7.16 24.81 25.24
CA LEU A 52 5.70 24.89 25.27
C LEU A 52 5.29 26.28 25.75
N GLY A 53 4.28 26.86 25.09
CA GLY A 53 3.82 28.19 25.46
C GLY A 53 2.85 28.74 24.44
N ASP A 54 2.96 30.03 24.15
CA ASP A 54 2.07 30.69 23.20
C ASP A 54 2.28 30.23 21.76
N ARG A 55 3.51 29.81 21.44
CA ARG A 55 3.83 29.34 20.09
C ARG A 55 3.59 27.84 19.90
N VAL A 56 3.72 27.07 20.97
CA VAL A 56 3.55 25.61 20.88
C VAL A 56 2.67 25.00 21.97
N GLU A 57 1.70 24.18 21.55
CA GLU A 57 0.84 23.50 22.52
C GLU A 57 0.82 22.00 22.22
N LEU A 58 0.68 21.20 23.27
CA LEU A 58 0.63 19.74 23.12
C LEU A 58 -0.73 19.17 23.48
N VAL A 59 -1.27 18.37 22.56
CA VAL A 59 -2.54 17.70 22.76
C VAL A 59 -2.25 16.20 22.69
N VAL A 60 -2.53 15.49 23.78
CA VAL A 60 -2.29 14.06 23.83
C VAL A 60 -3.49 13.29 23.25
N GLY A 61 -3.24 12.54 22.18
CA GLY A 61 -4.31 11.80 21.52
C GLY A 61 -3.84 10.96 20.34
N ASP A 62 -4.76 10.16 19.80
CA ASP A 62 -4.49 9.24 18.67
C ASP A 62 -4.92 9.85 17.33
N ILE A 63 -4.09 9.73 16.29
CA ILE A 63 -4.48 10.27 14.98
C ILE A 63 -5.64 9.48 14.38
N ALA A 64 -5.98 8.34 15.00
CA ALA A 64 -7.08 7.52 14.52
C ALA A 64 -8.40 7.89 15.20
N ASP A 65 -8.33 8.83 16.14
CA ASP A 65 -9.50 9.33 16.88
C ASP A 65 -10.17 10.39 16.01
N ALA A 66 -11.12 9.98 15.18
CA ALA A 66 -11.80 10.90 14.26
C ALA A 66 -12.40 12.14 14.92
N GLU A 67 -13.07 11.97 16.05
CA GLU A 67 -13.69 13.09 16.74
C GLU A 67 -12.67 14.15 17.17
N LEU A 68 -11.54 13.71 17.72
CA LEU A 68 -10.50 14.63 18.15
C LEU A 68 -9.82 15.30 16.95
N VAL A 69 -9.51 14.50 15.93
CA VAL A 69 -8.86 15.04 14.74
C VAL A 69 -9.75 16.10 14.07
N ASP A 70 -11.06 15.88 14.11
CA ASP A 70 -11.99 16.83 13.50
C ASP A 70 -12.00 18.16 14.26
N LYS A 71 -11.93 18.08 15.57
CA LYS A 71 -11.92 19.27 16.42
C LYS A 71 -10.69 20.14 16.13
N LEU A 72 -9.53 19.50 16.01
CA LEU A 72 -8.29 20.21 15.75
C LEU A 72 -8.20 20.74 14.32
N ALA A 73 -8.59 19.91 13.35
CA ALA A 73 -8.53 20.29 11.94
C ALA A 73 -9.39 21.50 11.60
N ALA A 74 -10.48 21.66 12.33
CA ALA A 74 -11.39 22.79 12.08
C ALA A 74 -10.75 24.14 12.39
N LYS A 75 -9.63 24.12 13.12
CA LYS A 75 -8.94 25.36 13.49
C LYS A 75 -7.56 25.53 12.88
N ALA A 76 -7.17 24.65 11.97
CA ALA A 76 -5.84 24.73 11.36
C ALA A 76 -5.84 25.02 9.86
N ASP A 77 -4.67 25.43 9.33
CA ASP A 77 -4.56 25.68 7.91
C ASP A 77 -3.58 24.72 7.22
N ALA A 78 -3.01 23.79 8.00
CA ALA A 78 -2.09 22.79 7.44
C ALA A 78 -1.78 21.69 8.45
N ILE A 79 -1.49 20.50 7.93
CA ILE A 79 -1.13 19.34 8.75
C ILE A 79 0.20 18.78 8.23
N VAL A 80 1.19 18.64 9.11
CA VAL A 80 2.49 18.05 8.75
C VAL A 80 2.49 16.74 9.56
N HIS A 81 2.45 15.63 8.84
CA HIS A 81 2.31 14.29 9.41
C HIS A 81 3.53 13.39 9.66
N TYR A 82 4.01 13.35 10.91
CA TYR A 82 5.16 12.52 11.30
C TYR A 82 4.75 11.28 12.12
N ALA A 83 3.59 11.33 12.77
CA ALA A 83 3.12 10.22 13.61
C ALA A 83 3.15 8.84 12.95
N ALA A 84 3.80 7.88 13.62
CA ALA A 84 3.91 6.52 13.10
C ALA A 84 4.68 5.61 14.04
N GLU A 85 4.54 4.29 13.81
CA GLU A 85 5.31 3.29 14.54
C GLU A 85 6.48 3.22 13.57
N SER A 86 7.70 3.50 14.06
CA SER A 86 8.85 3.61 13.17
C SER A 86 9.98 2.59 13.20
N HIS A 87 9.87 1.54 14.02
CA HIS A 87 10.99 0.59 14.11
C HIS A 87 10.73 -0.77 13.46
N ASN A 88 11.61 -1.16 12.54
CA ASN A 88 11.49 -2.45 11.85
C ASN A 88 11.46 -3.64 12.81
N ASP A 89 12.39 -3.66 13.77
CA ASP A 89 12.45 -4.78 14.71
C ASP A 89 11.17 -4.96 15.51
N ASN A 90 10.52 -3.85 15.89
CA ASN A 90 9.27 -3.96 16.63
C ASN A 90 8.16 -4.50 15.71
N SER A 91 8.19 -4.12 14.43
CA SER A 91 7.16 -4.56 13.47
C SER A 91 7.24 -6.05 13.19
N LEU A 92 8.41 -6.64 13.39
CA LEU A 92 8.58 -8.07 13.16
C LEU A 92 8.08 -8.87 14.36
N ASN A 93 8.06 -8.26 15.54
CA ASN A 93 7.58 -8.93 16.75
C ASN A 93 6.06 -8.82 16.89
N ASP A 94 5.51 -7.69 16.46
CA ASP A 94 4.09 -7.42 16.56
C ASP A 94 3.69 -6.30 15.59
N PRO A 95 3.17 -6.67 14.42
CA PRO A 95 2.75 -5.70 13.40
C PRO A 95 1.46 -4.93 13.67
N SER A 96 0.67 -5.37 14.66
CA SER A 96 -0.60 -4.74 14.99
C SER A 96 -0.65 -3.21 15.05
N PRO A 97 0.21 -2.58 15.87
CA PRO A 97 0.16 -1.11 15.94
C PRO A 97 0.59 -0.40 14.66
N PHE A 98 1.34 -1.09 13.80
CA PHE A 98 1.79 -0.49 12.55
C PHE A 98 0.60 -0.37 11.59
N ILE A 99 -0.22 -1.41 11.55
CA ILE A 99 -1.42 -1.40 10.71
C ILE A 99 -2.35 -0.27 11.15
N HIS A 100 -2.57 -0.18 12.46
CA HIS A 100 -3.44 0.84 13.04
C HIS A 100 -2.99 2.28 12.82
N THR A 101 -1.78 2.58 13.28
CA THR A 101 -1.24 3.93 13.17
C THR A 101 -0.81 4.38 11.77
N ASN A 102 0.02 3.57 11.13
CA ASN A 102 0.54 3.95 9.82
C ASN A 102 -0.50 4.02 8.70
N PHE A 103 -1.41 3.07 8.63
CA PHE A 103 -2.43 3.10 7.57
C PHE A 103 -3.75 3.74 8.00
N ILE A 104 -4.41 3.19 9.01
CA ILE A 104 -5.68 3.75 9.44
C ILE A 104 -5.52 5.20 9.92
N GLY A 105 -4.40 5.48 10.59
CA GLY A 105 -4.15 6.83 11.07
C GLY A 105 -4.01 7.83 9.92
N THR A 106 -3.28 7.46 8.88
CA THR A 106 -3.11 8.35 7.73
C THR A 106 -4.46 8.59 7.03
N TYR A 107 -5.25 7.53 6.88
CA TYR A 107 -6.56 7.64 6.26
C TYR A 107 -7.45 8.61 7.03
N THR A 108 -7.45 8.53 8.35
CA THR A 108 -8.26 9.40 9.20
C THR A 108 -7.86 10.87 8.97
N LEU A 109 -6.56 11.13 8.91
CA LEU A 109 -6.06 12.49 8.69
C LEU A 109 -6.39 13.00 7.29
N LEU A 110 -6.32 12.13 6.29
CA LEU A 110 -6.63 12.52 4.91
C LEU A 110 -8.09 12.95 4.77
N GLU A 111 -8.99 12.24 5.44
CA GLU A 111 -10.42 12.59 5.36
C GLU A 111 -10.70 13.93 6.02
N ALA A 112 -9.91 14.29 7.02
CA ALA A 112 -10.10 15.56 7.70
C ALA A 112 -9.58 16.68 6.81
N ALA A 113 -8.46 16.43 6.15
CA ALA A 113 -7.87 17.42 5.24
C ALA A 113 -8.85 17.67 4.10
N ARG A 114 -9.48 16.60 3.63
CA ARG A 114 -10.45 16.70 2.55
C ARG A 114 -11.66 17.52 2.99
N LYS A 115 -12.16 17.24 4.19
CA LYS A 115 -13.32 17.94 4.73
C LYS A 115 -13.13 19.45 4.85
N TYR A 116 -12.01 19.86 5.43
CA TYR A 116 -11.74 21.28 5.62
C TYR A 116 -10.91 21.93 4.50
N ASP A 117 -10.59 21.14 3.47
CA ASP A 117 -9.82 21.62 2.33
C ASP A 117 -8.53 22.36 2.72
N ILE A 118 -7.71 21.71 3.54
CA ILE A 118 -6.45 22.31 3.97
C ILE A 118 -5.22 21.54 3.46
N ARG A 119 -4.07 22.17 3.59
CA ARG A 119 -2.78 21.63 3.14
C ARG A 119 -2.34 20.41 3.97
N PHE A 120 -1.74 19.43 3.30
CA PHE A 120 -1.29 18.20 3.97
C PHE A 120 0.07 17.74 3.46
N HIS A 121 1.04 17.59 4.36
CA HIS A 121 2.35 17.08 3.92
C HIS A 121 2.63 15.76 4.63
N HIS A 122 2.81 14.72 3.83
CA HIS A 122 3.06 13.35 4.30
C HIS A 122 4.55 13.04 4.44
N VAL A 123 5.02 12.83 5.67
CA VAL A 123 6.43 12.52 5.90
C VAL A 123 6.62 11.00 5.81
N SER A 124 7.44 10.56 4.85
CA SER A 124 7.70 9.13 4.67
C SER A 124 9.17 8.77 4.58
N THR A 125 9.44 7.51 4.23
CA THR A 125 10.80 6.95 4.22
C THR A 125 11.29 6.34 2.91
N ASP A 126 12.61 6.25 2.77
CA ASP A 126 13.21 5.66 1.58
C ASP A 126 13.05 4.14 1.56
N GLU A 127 12.61 3.56 2.67
CA GLU A 127 12.44 2.11 2.74
C GLU A 127 11.26 1.61 1.90
N VAL A 128 10.42 2.52 1.43
CA VAL A 128 9.28 2.09 0.61
C VAL A 128 9.76 1.50 -0.72
N TYR A 129 10.98 1.85 -1.12
CA TYR A 129 11.55 1.39 -2.39
C TYR A 129 12.26 0.04 -2.31
N GLY A 130 12.36 -0.53 -1.12
CA GLY A 130 13.02 -1.82 -1.00
C GLY A 130 14.53 -1.76 -0.80
N ASP A 131 15.22 -2.66 -1.50
CA ASP A 131 16.67 -2.87 -1.43
C ASP A 131 17.51 -2.55 -2.67
N LEU A 132 18.81 -2.30 -2.46
CA LEU A 132 19.77 -2.05 -3.54
C LEU A 132 21.04 -2.88 -3.28
N PRO A 133 21.76 -3.28 -4.34
CA PRO A 133 22.99 -4.07 -4.16
C PRO A 133 24.12 -3.14 -3.66
N LEU A 134 25.18 -3.72 -3.09
CA LEU A 134 26.31 -2.92 -2.62
C LEU A 134 27.03 -2.33 -3.84
N ARG A 135 27.73 -1.21 -3.65
CA ARG A 135 28.43 -0.56 -4.75
C ARG A 135 29.45 -1.46 -5.47
N GLU A 136 30.12 -2.32 -4.71
CA GLU A 136 31.12 -3.23 -5.26
C GLU A 136 30.52 -4.23 -6.26
N ASP A 137 29.21 -4.41 -6.22
CA ASP A 137 28.54 -5.35 -7.11
C ASP A 137 27.72 -4.66 -8.20
N LEU A 138 28.01 -3.38 -8.44
CA LEU A 138 27.30 -2.63 -9.46
C LEU A 138 28.26 -2.11 -10.52
N PRO A 139 27.86 -2.18 -11.81
CA PRO A 139 28.72 -1.71 -12.91
C PRO A 139 29.04 -0.22 -12.85
N GLY A 140 28.12 0.57 -12.29
CA GLY A 140 28.35 2.00 -12.18
C GLY A 140 28.89 2.40 -10.82
N HIS A 141 29.22 1.40 -10.00
CA HIS A 141 29.75 1.64 -8.67
C HIS A 141 28.81 2.51 -7.82
N GLY A 142 27.52 2.42 -8.11
CA GLY A 142 26.54 3.20 -7.37
C GLY A 142 26.21 4.55 -7.97
N GLU A 143 26.93 4.93 -9.02
CA GLU A 143 26.71 6.22 -9.68
C GLU A 143 25.87 6.13 -10.96
N GLY A 144 25.63 4.91 -11.43
CA GLY A 144 24.87 4.74 -12.65
C GLY A 144 23.36 4.82 -12.53
N PRO A 145 22.64 4.86 -13.66
CA PRO A 145 21.18 4.92 -13.66
C PRO A 145 20.57 3.72 -12.94
N GLY A 146 19.69 4.00 -11.98
CA GLY A 146 19.05 2.92 -11.24
C GLY A 146 19.83 2.37 -10.06
N GLU A 147 21.02 2.91 -9.82
CA GLU A 147 21.85 2.44 -8.71
C GLU A 147 21.58 3.22 -7.42
N LYS A 148 20.61 4.12 -7.49
CA LYS A 148 20.16 4.93 -6.35
C LYS A 148 18.65 5.09 -6.51
N PHE A 149 17.94 5.40 -5.42
CA PHE A 149 16.49 5.61 -5.50
C PHE A 149 16.21 6.99 -6.09
N THR A 150 15.18 7.07 -6.92
CA THR A 150 14.76 8.34 -7.52
C THR A 150 13.24 8.36 -7.43
N ALA A 151 12.62 9.48 -7.77
CA ALA A 151 11.16 9.59 -7.71
C ALA A 151 10.47 8.60 -8.64
N GLU A 152 11.22 8.02 -9.57
CA GLU A 152 10.66 7.07 -10.52
C GLU A 152 10.85 5.60 -10.13
N THR A 153 11.49 5.37 -8.99
CA THR A 153 11.73 4.00 -8.52
C THR A 153 10.43 3.33 -8.05
N ASN A 154 10.27 2.04 -8.35
CA ASN A 154 9.05 1.34 -7.95
C ASN A 154 9.06 1.02 -6.46
N TYR A 155 7.86 0.93 -5.89
CA TYR A 155 7.70 0.58 -4.48
C TYR A 155 7.92 -0.93 -4.37
N ASN A 156 8.60 -1.35 -3.30
CA ASN A 156 8.88 -2.78 -3.09
C ASN A 156 9.36 -3.00 -1.65
N PRO A 157 8.54 -2.60 -0.66
CA PRO A 157 8.86 -2.74 0.77
C PRO A 157 9.08 -4.18 1.26
N SER A 158 10.02 -4.33 2.19
CA SER A 158 10.38 -5.63 2.73
C SER A 158 9.75 -6.07 4.05
N SER A 159 9.35 -5.12 4.89
CA SER A 159 8.81 -5.46 6.22
C SER A 159 7.45 -4.86 6.56
N PRO A 160 6.89 -5.24 7.73
CA PRO A 160 5.59 -4.69 8.13
C PRO A 160 5.69 -3.17 8.29
N TYR A 161 6.85 -2.68 8.73
CA TYR A 161 7.03 -1.23 8.88
C TYR A 161 7.05 -0.52 7.53
N SER A 162 7.96 -0.94 6.64
CA SER A 162 8.08 -0.28 5.34
C SER A 162 6.85 -0.49 4.46
N SER A 163 6.18 -1.63 4.63
CA SER A 163 4.99 -1.97 3.87
C SER A 163 3.80 -1.06 4.26
N THR A 164 3.62 -0.84 5.55
CA THR A 164 2.52 0.03 5.98
C THR A 164 2.81 1.49 5.62
N LYS A 165 4.09 1.89 5.63
CA LYS A 165 4.41 3.26 5.23
C LYS A 165 4.11 3.42 3.73
N ALA A 166 4.56 2.46 2.93
CA ALA A 166 4.32 2.50 1.48
C ALA A 166 2.83 2.53 1.19
N ALA A 167 2.06 1.73 1.91
CA ALA A 167 0.62 1.71 1.74
C ALA A 167 0.02 3.09 2.01
N SER A 168 0.52 3.77 3.04
CA SER A 168 -0.01 5.10 3.36
C SER A 168 0.36 6.10 2.25
N ASP A 169 1.53 5.93 1.64
CA ASP A 169 1.97 6.81 0.54
C ASP A 169 0.97 6.67 -0.62
N LEU A 170 0.58 5.44 -0.90
CA LEU A 170 -0.36 5.16 -1.99
C LEU A 170 -1.72 5.82 -1.83
N ILE A 171 -2.31 5.79 -0.64
CA ILE A 171 -3.62 6.43 -0.51
C ILE A 171 -3.51 7.95 -0.51
N VAL A 172 -2.38 8.50 -0.08
CA VAL A 172 -2.23 9.95 -0.11
C VAL A 172 -2.32 10.40 -1.58
N LYS A 173 -1.57 9.71 -2.45
CA LYS A 173 -1.56 10.04 -3.87
C LYS A 173 -2.93 9.82 -4.53
N ALA A 174 -3.64 8.79 -4.09
CA ALA A 174 -4.96 8.51 -4.64
C ALA A 174 -5.96 9.58 -4.24
N TRP A 175 -5.81 10.09 -3.02
CA TRP A 175 -6.71 11.14 -2.53
C TRP A 175 -6.47 12.44 -3.29
N VAL A 176 -5.25 12.64 -3.79
CA VAL A 176 -4.96 13.85 -4.56
C VAL A 176 -5.64 13.74 -5.93
N ARG A 177 -5.44 12.61 -6.61
CA ARG A 177 -6.03 12.42 -7.93
C ARG A 177 -7.55 12.27 -7.92
N SER A 178 -8.09 11.61 -6.90
CA SER A 178 -9.53 11.40 -6.81
C SER A 178 -10.33 12.54 -6.18
N PHE A 179 -9.78 13.17 -5.15
CA PHE A 179 -10.51 14.23 -4.45
C PHE A 179 -9.86 15.61 -4.48
N GLY A 180 -8.67 15.71 -5.08
CA GLY A 180 -8.01 17.00 -5.13
C GLY A 180 -7.46 17.49 -3.79
N VAL A 181 -7.08 16.57 -2.91
CA VAL A 181 -6.50 16.97 -1.63
C VAL A 181 -5.19 17.70 -1.93
N LYS A 182 -4.92 18.77 -1.18
CA LYS A 182 -3.70 19.57 -1.37
C LYS A 182 -2.52 18.94 -0.65
N ALA A 183 -2.07 17.79 -1.13
CA ALA A 183 -0.97 17.09 -0.49
C ALA A 183 0.33 16.93 -1.26
N THR A 184 1.42 16.78 -0.50
CA THR A 184 2.76 16.54 -1.04
C THR A 184 3.34 15.41 -0.18
N ILE A 185 4.37 14.75 -0.70
CA ILE A 185 5.00 13.64 0.00
C ILE A 185 6.52 13.74 -0.05
N SER A 186 7.17 13.33 1.04
CA SER A 186 8.63 13.31 1.07
C SER A 186 9.08 11.93 1.54
N ASN A 187 10.15 11.41 0.93
CA ASN A 187 10.73 10.12 1.31
C ASN A 187 12.19 10.44 1.62
N CYS A 188 12.55 10.32 2.90
CA CYS A 188 13.88 10.65 3.39
C CYS A 188 14.72 9.45 3.83
N SER A 189 16.05 9.61 3.78
CA SER A 189 16.99 8.57 4.19
C SER A 189 17.14 8.56 5.71
N ASN A 190 17.98 7.67 6.25
CA ASN A 190 18.17 7.53 7.70
C ASN A 190 18.61 8.81 8.45
N ASN A 191 17.79 9.25 9.40
CA ASN A 191 18.12 10.44 10.20
C ASN A 191 18.93 10.09 11.45
N TYR A 192 19.70 11.05 11.94
CA TYR A 192 20.46 10.87 13.18
C TYR A 192 20.56 12.25 13.83
N GLY A 193 20.86 12.27 15.12
CA GLY A 193 20.97 13.53 15.84
C GLY A 193 20.42 13.47 17.25
N PRO A 194 20.26 14.62 17.93
CA PRO A 194 19.72 14.66 19.30
C PRO A 194 18.26 14.22 19.37
N TYR A 195 17.89 13.63 20.50
CA TYR A 195 16.53 13.17 20.75
C TYR A 195 16.06 11.89 20.05
N GLN A 196 16.97 11.12 19.46
CA GLN A 196 16.56 9.87 18.83
C GLN A 196 16.47 8.77 19.90
N HIS A 197 15.41 7.97 19.87
CA HIS A 197 15.19 6.90 20.84
C HIS A 197 16.36 5.90 20.84
N ILE A 198 16.76 5.44 22.02
CA ILE A 198 17.89 4.52 22.13
C ILE A 198 17.71 3.11 21.57
N GLU A 199 16.57 2.82 20.95
CA GLU A 199 16.38 1.51 20.33
C GLU A 199 17.02 1.55 18.94
N LYS A 200 17.21 2.76 18.41
CA LYS A 200 17.80 2.92 17.07
C LYS A 200 19.32 2.76 17.06
N PHE A 201 19.86 2.32 15.92
CA PHE A 201 21.29 2.03 15.77
C PHE A 201 22.35 2.95 16.38
N ILE A 202 22.43 4.19 15.91
CA ILE A 202 23.46 5.08 16.44
C ILE A 202 23.34 5.37 17.94
N PRO A 203 22.17 5.85 18.40
CA PRO A 203 22.05 6.11 19.84
C PRO A 203 22.17 4.86 20.73
N ARG A 204 21.80 3.69 20.22
CA ARG A 204 21.93 2.47 21.03
C ARG A 204 23.40 2.19 21.33
N GLN A 205 24.26 2.34 20.32
CA GLN A 205 25.70 2.07 20.52
C GLN A 205 26.35 3.10 21.44
N ILE A 206 26.04 4.37 21.21
CA ILE A 206 26.59 5.46 22.02
C ILE A 206 26.24 5.30 23.50
N THR A 207 24.96 5.07 23.77
CA THR A 207 24.51 4.93 25.16
C THR A 207 24.92 3.60 25.81
N ASN A 208 25.10 2.54 25.02
CA ASN A 208 25.53 1.28 25.61
C ASN A 208 26.95 1.51 26.16
N ILE A 209 27.79 2.19 25.37
CA ILE A 209 29.15 2.49 25.78
C ILE A 209 29.15 3.35 27.05
N LEU A 210 28.28 4.35 27.11
CA LEU A 210 28.21 5.21 28.29
C LEU A 210 27.75 4.42 29.52
N ALA A 211 26.95 3.38 29.30
CA ALA A 211 26.42 2.56 30.38
C ALA A 211 27.29 1.35 30.72
N GLY A 212 28.42 1.20 30.04
CA GLY A 212 29.30 0.08 30.31
C GLY A 212 28.81 -1.23 29.70
N ILE A 213 28.06 -1.11 28.60
CA ILE A 213 27.50 -2.27 27.90
C ILE A 213 28.13 -2.33 26.51
N LYS A 214 28.34 -3.54 25.98
CA LYS A 214 28.95 -3.68 24.66
C LYS A 214 28.03 -3.29 23.51
N PRO A 215 28.57 -2.59 22.50
CA PRO A 215 27.76 -2.19 21.34
C PRO A 215 27.34 -3.50 20.64
N LYS A 216 26.29 -3.45 19.83
CA LYS A 216 25.79 -4.64 19.13
C LYS A 216 25.70 -4.44 17.61
N LEU A 217 26.34 -5.32 16.85
CA LEU A 217 26.34 -5.23 15.39
C LEU A 217 25.61 -6.42 14.75
N TYR A 218 24.62 -6.15 13.92
CA TYR A 218 23.87 -7.23 13.25
C TYR A 218 24.78 -7.92 12.22
N GLY A 219 24.99 -9.22 12.39
CA GLY A 219 25.84 -9.96 11.46
C GLY A 219 27.25 -9.40 11.46
N GLU A 220 27.81 -9.17 10.28
CA GLU A 220 29.15 -8.62 10.16
C GLU A 220 29.14 -7.13 9.80
N GLY A 221 27.93 -6.55 9.75
CA GLY A 221 27.80 -5.12 9.46
C GLY A 221 27.99 -4.66 8.02
N LYS A 222 27.64 -5.49 7.04
CA LYS A 222 27.82 -5.10 5.64
C LYS A 222 26.76 -4.13 5.14
N ASN A 223 25.61 -4.08 5.82
CA ASN A 223 24.52 -3.22 5.39
C ASN A 223 24.87 -1.74 5.32
N VAL A 224 24.32 -1.06 4.31
CA VAL A 224 24.59 0.35 4.07
C VAL A 224 23.38 1.26 4.24
N ARG A 225 23.56 2.36 4.96
CA ARG A 225 22.50 3.34 5.19
C ARG A 225 23.02 4.72 4.76
N ASP A 226 22.12 5.56 4.24
CA ASP A 226 22.46 6.91 3.75
C ASP A 226 22.09 7.92 4.84
N TRP A 227 23.08 8.32 5.65
CA TRP A 227 22.83 9.21 6.78
C TRP A 227 22.65 10.71 6.53
N ILE A 228 21.64 11.29 7.19
CA ILE A 228 21.34 12.71 7.08
C ILE A 228 20.98 13.26 8.47
N HIS A 229 21.50 14.43 8.82
CA HIS A 229 21.20 15.03 10.12
C HIS A 229 19.76 15.53 10.11
N THR A 230 19.04 15.29 11.21
CA THR A 230 17.65 15.70 11.29
C THR A 230 17.42 17.21 11.02
N ASN A 231 18.42 18.04 11.29
CA ASN A 231 18.28 19.48 11.01
C ASN A 231 18.08 19.74 9.52
N ASP A 232 18.71 18.94 8.67
CA ASP A 232 18.55 19.10 7.23
C ASP A 232 17.21 18.52 6.75
N HIS A 233 16.69 17.53 7.48
CA HIS A 233 15.39 16.95 7.14
C HIS A 233 14.34 18.04 7.40
N SER A 234 14.52 18.79 8.50
CA SER A 234 13.59 19.86 8.87
C SER A 234 13.48 20.96 7.81
N THR A 235 14.61 21.42 7.30
CA THR A 235 14.57 22.47 6.28
C THR A 235 14.00 21.96 4.95
N GLY A 236 14.19 20.68 4.69
CA GLY A 236 13.66 20.10 3.47
C GLY A 236 12.14 20.03 3.52
N VAL A 237 11.60 19.61 4.66
CA VAL A 237 10.16 19.53 4.82
C VAL A 237 9.55 20.93 4.76
N TRP A 238 10.21 21.91 5.37
CA TRP A 238 9.68 23.28 5.33
C TRP A 238 9.63 23.80 3.90
N ALA A 239 10.66 23.49 3.11
CA ALA A 239 10.71 23.95 1.72
C ALA A 239 9.58 23.34 0.89
N ILE A 240 9.31 22.04 1.10
CA ILE A 240 8.25 21.38 0.38
C ILE A 240 6.88 21.91 0.81
N LEU A 241 6.68 22.06 2.12
CA LEU A 241 5.43 22.56 2.67
C LEU A 241 5.04 23.93 2.09
N THR A 242 6.00 24.84 2.04
CA THR A 242 5.76 26.20 1.57
C THR A 242 5.97 26.50 0.08
N LYS A 243 6.73 25.68 -0.63
CA LYS A 243 7.00 25.95 -2.05
C LYS A 243 6.81 24.78 -3.01
N GLY A 244 6.44 23.61 -2.49
CA GLY A 244 6.28 22.44 -3.35
C GLY A 244 5.08 22.45 -4.28
N ARG A 245 5.12 21.57 -5.29
CA ARG A 245 4.03 21.44 -6.26
C ARG A 245 3.06 20.39 -5.77
N MET A 246 1.78 20.74 -5.72
CA MET A 246 0.75 19.82 -5.25
C MET A 246 0.76 18.49 -5.99
N GLY A 247 0.72 17.40 -5.23
CA GLY A 247 0.70 16.07 -5.82
C GLY A 247 2.06 15.42 -6.05
N GLU A 248 3.14 16.19 -5.92
CA GLU A 248 4.47 15.66 -6.15
C GLU A 248 5.14 15.01 -4.95
N THR A 249 6.06 14.10 -5.25
CA THR A 249 6.84 13.37 -4.25
C THR A 249 8.29 13.87 -4.38
N TYR A 250 8.93 14.16 -3.25
CA TYR A 250 10.30 14.65 -3.23
C TYR A 250 11.16 13.75 -2.36
N LEU A 251 12.38 13.44 -2.83
CA LEU A 251 13.31 12.61 -2.07
C LEU A 251 14.32 13.48 -1.33
N ILE A 252 14.54 13.18 -0.05
CA ILE A 252 15.48 13.94 0.78
C ILE A 252 16.68 13.08 1.18
N GLY A 253 17.89 13.57 0.88
CA GLY A 253 19.11 12.85 1.20
C GLY A 253 20.31 13.77 1.13
N ALA A 254 21.40 13.40 1.81
CA ALA A 254 22.61 14.22 1.83
C ALA A 254 23.87 13.55 1.29
N ASP A 255 23.69 12.48 0.52
CA ASP A 255 24.81 11.74 -0.08
C ASP A 255 25.82 11.32 0.99
N GLY A 256 25.36 10.55 1.97
CA GLY A 256 26.21 10.09 3.05
C GLY A 256 26.20 8.60 3.35
N GLU A 257 26.32 7.77 2.31
CA GLU A 257 26.32 6.32 2.48
C GLU A 257 27.51 5.79 3.29
N LYS A 258 27.24 4.87 4.21
CA LYS A 258 28.26 4.24 5.05
C LYS A 258 27.74 2.88 5.53
N ASN A 259 28.64 1.89 5.64
CA ASN A 259 28.21 0.58 6.13
C ASN A 259 28.20 0.61 7.66
N ASN A 260 27.35 -0.22 8.27
CA ASN A 260 27.23 -0.25 9.73
C ASN A 260 28.55 -0.48 10.46
N LYS A 261 29.42 -1.31 9.89
CA LYS A 261 30.71 -1.59 10.51
C LYS A 261 31.57 -0.32 10.65
N GLU A 262 31.66 0.48 9.59
CA GLU A 262 32.49 1.68 9.69
C GLU A 262 31.89 2.72 10.65
N VAL A 263 30.56 2.79 10.72
CA VAL A 263 29.93 3.73 11.64
C VAL A 263 30.22 3.33 13.09
N LEU A 264 30.09 2.05 13.40
CA LEU A 264 30.37 1.57 14.75
C LEU A 264 31.84 1.80 15.11
N GLU A 265 32.74 1.55 14.15
CA GLU A 265 34.16 1.75 14.41
C GLU A 265 34.47 3.21 14.69
N LEU A 266 33.78 4.11 14.00
CA LEU A 266 34.00 5.55 14.21
C LEU A 266 33.53 5.93 15.62
N ILE A 267 32.40 5.37 16.05
CA ILE A 267 31.87 5.67 17.39
C ILE A 267 32.84 5.17 18.47
N LEU A 268 33.32 3.94 18.32
CA LEU A 268 34.26 3.37 19.28
C LEU A 268 35.51 4.24 19.42
N GLU A 269 36.06 4.64 18.28
CA GLU A 269 37.26 5.47 18.24
C GLU A 269 37.05 6.84 18.91
N LYS A 270 35.94 7.49 18.57
CA LYS A 270 35.64 8.80 19.15
C LYS A 270 35.41 8.73 20.66
N MET A 271 34.93 7.59 21.15
CA MET A 271 34.68 7.44 22.58
C MET A 271 35.82 6.77 23.33
N GLY A 272 36.98 6.66 22.67
CA GLY A 272 38.16 6.06 23.29
C GLY A 272 38.12 4.59 23.65
N GLN A 273 37.41 3.80 22.85
CA GLN A 273 37.28 2.37 23.08
C GLN A 273 38.09 1.56 22.08
N PRO A 274 38.45 0.31 22.42
CA PRO A 274 39.22 -0.55 21.52
C PRO A 274 38.36 -0.84 20.27
N LYS A 275 39.00 -0.95 19.12
CA LYS A 275 38.30 -1.20 17.86
C LYS A 275 37.48 -2.49 17.82
N ASP A 276 37.80 -3.44 18.70
CA ASP A 276 37.07 -4.71 18.72
C ASP A 276 36.19 -4.91 19.95
N ALA A 277 35.90 -3.83 20.67
CA ALA A 277 35.08 -3.91 21.87
C ALA A 277 33.58 -3.86 21.57
N TYR A 278 33.07 -4.90 20.91
CA TYR A 278 31.65 -4.99 20.58
C TYR A 278 31.26 -6.44 20.32
N ASP A 279 29.96 -6.71 20.23
CA ASP A 279 29.44 -8.06 19.97
C ASP A 279 28.72 -8.14 18.63
N HIS A 280 28.88 -9.27 17.93
CA HIS A 280 28.17 -9.50 16.68
C HIS A 280 26.88 -10.17 17.20
N VAL A 281 25.72 -9.81 16.67
CA VAL A 281 24.47 -10.43 17.15
C VAL A 281 23.55 -10.91 16.04
N THR A 282 22.57 -11.74 16.42
CA THR A 282 21.60 -12.32 15.49
C THR A 282 21.12 -11.29 14.44
N ASP A 283 21.22 -11.65 13.16
CA ASP A 283 20.81 -10.74 12.09
C ASP A 283 19.29 -10.63 11.96
N ARG A 284 18.83 -9.52 11.39
CA ARG A 284 17.40 -9.24 11.20
C ARG A 284 16.78 -10.01 10.04
N ALA A 285 15.58 -10.53 10.25
CA ALA A 285 14.86 -11.27 9.21
C ALA A 285 14.51 -10.36 8.05
N GLY A 286 14.88 -10.77 6.83
CA GLY A 286 14.59 -9.98 5.64
C GLY A 286 15.34 -8.67 5.53
N HIS A 287 16.37 -8.52 6.36
CA HIS A 287 17.21 -7.32 6.42
C HIS A 287 17.54 -6.67 5.06
N ASP A 288 17.26 -5.38 4.93
CA ASP A 288 17.54 -4.65 3.70
C ASP A 288 19.05 -4.38 3.55
N LEU A 289 19.59 -4.68 2.37
CA LEU A 289 21.02 -4.51 2.10
C LEU A 289 21.52 -3.06 2.08
N ARG A 290 21.26 -2.33 0.99
CA ARG A 290 21.70 -0.95 0.85
C ARG A 290 20.59 0.03 0.47
N TYR A 291 20.63 1.23 1.07
CA TYR A 291 19.69 2.30 0.75
C TYR A 291 20.55 3.45 0.23
N ALA A 292 20.07 4.18 -0.77
CA ALA A 292 20.81 5.32 -1.32
C ALA A 292 19.80 6.24 -2.01
N ILE A 293 19.89 7.54 -1.71
CA ILE A 293 18.95 8.53 -2.27
C ILE A 293 19.59 9.54 -3.24
N ASP A 294 18.92 9.77 -4.37
CA ASP A 294 19.35 10.75 -5.36
C ASP A 294 18.37 11.91 -5.12
N ALA A 295 18.84 12.99 -4.49
CA ALA A 295 17.98 14.13 -4.18
C ALA A 295 18.03 15.29 -5.18
N SER A 296 18.34 14.97 -6.44
CA SER A 296 18.44 15.99 -7.49
C SER A 296 17.17 16.82 -7.70
N LYS A 297 16.01 16.18 -7.61
CA LYS A 297 14.74 16.88 -7.83
C LYS A 297 14.51 18.02 -6.84
N LEU A 298 14.67 17.74 -5.55
CA LEU A 298 14.47 18.75 -4.51
C LEU A 298 15.48 19.89 -4.62
N ARG A 299 16.73 19.56 -4.92
CA ARG A 299 17.78 20.56 -5.07
C ARG A 299 17.48 21.47 -6.27
N ASP A 300 17.21 20.86 -7.41
CA ASP A 300 16.92 21.57 -8.65
C ASP A 300 15.68 22.46 -8.60
N GLU A 301 14.56 21.88 -8.18
CA GLU A 301 13.30 22.62 -8.15
C GLU A 301 13.08 23.61 -7.01
N LEU A 302 13.49 23.27 -5.79
CA LEU A 302 13.26 24.17 -4.66
C LEU A 302 14.48 24.87 -4.06
N GLY A 303 15.67 24.57 -4.58
CA GLY A 303 16.88 25.22 -4.08
C GLY A 303 17.39 24.78 -2.72
N TRP A 304 16.86 23.68 -2.20
CA TRP A 304 17.28 23.15 -0.90
C TRP A 304 18.70 22.60 -0.97
N THR A 305 19.51 22.90 0.05
CA THR A 305 20.89 22.40 0.12
C THR A 305 21.19 21.95 1.55
N PRO A 306 21.67 20.72 1.74
CA PRO A 306 21.96 20.28 3.11
C PRO A 306 23.18 21.03 3.67
N GLN A 307 23.15 21.33 4.97
CA GLN A 307 24.24 22.06 5.61
C GLN A 307 25.16 21.20 6.48
N PHE A 308 24.66 20.06 6.95
CA PHE A 308 25.47 19.20 7.79
C PHE A 308 25.98 17.99 7.01
N THR A 309 26.89 18.24 6.08
CA THR A 309 27.44 17.18 5.24
C THR A 309 28.73 16.53 5.77
N ASP A 310 29.24 17.02 6.89
CA ASP A 310 30.43 16.43 7.49
C ASP A 310 29.96 15.46 8.57
N PHE A 311 29.89 14.18 8.22
CA PHE A 311 29.40 13.16 9.15
C PHE A 311 30.26 13.03 10.41
N SER A 312 31.57 13.08 10.25
CA SER A 312 32.46 12.95 11.40
C SER A 312 32.15 14.00 12.46
N GLU A 313 31.92 15.24 12.03
CA GLU A 313 31.61 16.32 12.98
C GLU A 313 30.19 16.18 13.53
N GLY A 314 29.25 15.79 12.68
CA GLY A 314 27.89 15.63 13.13
C GLY A 314 27.78 14.54 14.19
N LEU A 315 28.51 13.44 13.97
CA LEU A 315 28.49 12.32 14.92
C LEU A 315 29.16 12.73 16.23
N GLU A 316 30.23 13.50 16.13
CA GLU A 316 30.95 13.96 17.32
C GLU A 316 30.00 14.80 18.20
N GLU A 317 29.22 15.68 17.58
CA GLU A 317 28.29 16.51 18.32
C GLU A 317 27.13 15.69 18.89
N THR A 318 26.72 14.64 18.18
CA THR A 318 25.64 13.78 18.65
C THR A 318 26.12 12.98 19.87
N ILE A 319 27.33 12.46 19.81
CA ILE A 319 27.89 11.71 20.93
C ILE A 319 27.93 12.61 22.18
N GLN A 320 28.34 13.86 21.98
CA GLN A 320 28.43 14.79 23.10
C GLN A 320 27.06 15.10 23.69
N TRP A 321 26.02 15.15 22.85
CA TRP A 321 24.68 15.44 23.35
C TRP A 321 24.18 14.31 24.25
N TYR A 322 24.39 13.06 23.86
CA TYR A 322 23.96 11.93 24.68
C TYR A 322 24.79 11.83 25.96
N THR A 323 26.02 12.34 25.90
CA THR A 323 26.91 12.32 27.06
C THR A 323 26.51 13.41 28.05
N ASP A 324 26.06 14.56 27.53
CA ASP A 324 25.65 15.69 28.37
C ASP A 324 24.21 15.60 28.87
N ASN A 325 23.42 14.69 28.31
CA ASN A 325 22.03 14.53 28.70
C ASN A 325 21.69 13.09 29.08
N GLN A 326 22.49 12.50 29.97
CA GLN A 326 22.25 11.12 30.36
C GLN A 326 20.92 10.89 31.09
N ASP A 327 20.41 11.90 31.78
CA ASP A 327 19.14 11.75 32.48
C ASP A 327 17.97 11.60 31.50
N TRP A 328 18.19 12.01 30.25
CA TRP A 328 17.14 11.90 29.23
C TRP A 328 16.90 10.45 28.79
N TRP A 329 17.91 9.58 28.89
CA TRP A 329 17.73 8.19 28.45
C TRP A 329 18.00 7.08 29.47
N LYS A 330 18.64 7.41 30.59
CA LYS A 330 18.98 6.38 31.58
C LYS A 330 17.81 5.53 32.10
N ALA A 331 16.62 6.12 32.23
CA ALA A 331 15.47 5.38 32.74
C ALA A 331 14.95 4.31 31.78
N GLU A 332 15.42 4.35 30.54
CA GLU A 332 14.98 3.40 29.50
C GLU A 332 15.99 2.32 29.11
N LYS A 333 17.27 2.52 29.44
CA LYS A 333 18.32 1.57 29.05
C LYS A 333 18.08 0.09 29.38
N GLU A 334 17.78 -0.22 30.64
CA GLU A 334 17.57 -1.61 31.04
C GLU A 334 16.40 -2.26 30.29
N ALA A 335 15.29 -1.54 30.18
CA ALA A 335 14.11 -2.07 29.50
C ALA A 335 14.32 -2.33 28.01
N VAL A 336 15.01 -1.43 27.34
CA VAL A 336 15.24 -1.59 25.90
C VAL A 336 16.17 -2.78 25.62
N GLU A 337 17.25 -2.88 26.37
CA GLU A 337 18.17 -3.99 26.17
C GLU A 337 17.53 -5.33 26.53
N ALA A 338 16.65 -5.33 27.52
CA ALA A 338 15.96 -6.54 27.95
C ALA A 338 15.00 -7.00 26.84
N ASN A 339 14.36 -6.04 26.18
CA ASN A 339 13.43 -6.39 25.11
C ASN A 339 14.21 -7.05 23.97
N TYR A 340 15.37 -6.48 23.63
CA TYR A 340 16.21 -7.04 22.56
C TYR A 340 16.70 -8.45 22.89
N ALA A 341 16.99 -8.71 24.17
CA ALA A 341 17.49 -10.02 24.59
C ALA A 341 16.51 -11.16 24.29
N LYS A 342 15.25 -10.81 24.11
CA LYS A 342 14.23 -11.82 23.82
C LYS A 342 14.37 -12.44 22.43
N THR A 343 15.02 -11.71 21.51
CA THR A 343 15.18 -12.21 20.15
C THR A 343 16.60 -12.14 19.57
N GLN A 344 17.53 -11.54 20.31
CA GLN A 344 18.90 -11.42 19.83
C GLN A 344 19.91 -11.99 20.82
N GLU A 345 20.91 -12.70 20.32
CA GLU A 345 21.95 -13.23 21.18
C GLU A 345 23.31 -13.05 20.51
N VAL A 346 24.37 -13.10 21.31
CA VAL A 346 25.71 -12.92 20.79
C VAL A 346 26.10 -14.10 19.91
N ILE A 347 26.67 -13.80 18.74
CA ILE A 347 27.10 -14.83 17.82
C ILE A 347 28.48 -15.35 18.22
N LYS A 348 28.61 -16.67 18.30
CA LYS A 348 29.87 -17.29 18.68
C LYS A 348 29.85 -18.78 18.36
N SER B 2 -4.34 -30.62 -7.14
CA SER B 2 -5.09 -31.51 -6.21
C SER B 2 -4.28 -31.82 -4.95
N GLN B 3 -3.23 -31.04 -4.73
CA GLN B 3 -2.37 -31.22 -3.56
C GLN B 3 -3.07 -30.64 -2.32
N PHE B 4 -4.05 -29.76 -2.55
CA PHE B 4 -4.80 -29.15 -1.46
C PHE B 4 -6.19 -29.80 -1.44
N LYS B 5 -6.56 -30.37 -0.29
CA LYS B 5 -7.84 -31.07 -0.16
C LYS B 5 -8.95 -30.32 0.60
N ASN B 6 -8.57 -29.30 1.35
CA ASN B 6 -9.55 -28.52 2.13
C ASN B 6 -9.19 -27.04 2.04
N ILE B 7 -9.79 -26.35 1.08
CA ILE B 7 -9.50 -24.94 0.89
C ILE B 7 -10.60 -23.97 1.30
N ILE B 8 -10.20 -22.74 1.59
CA ILE B 8 -11.12 -21.66 1.96
C ILE B 8 -11.08 -20.67 0.80
N VAL B 9 -12.27 -20.28 0.32
CA VAL B 9 -12.35 -19.30 -0.75
C VAL B 9 -13.12 -18.11 -0.21
N THR B 10 -12.43 -17.00 0.06
CA THR B 10 -13.11 -15.82 0.57
C THR B 10 -13.81 -15.10 -0.58
N GLY B 11 -14.95 -14.49 -0.30
CA GLY B 11 -15.69 -13.78 -1.33
C GLY B 11 -16.25 -14.69 -2.40
N GLY B 12 -16.40 -15.97 -2.07
CA GLY B 12 -16.91 -16.95 -3.02
C GLY B 12 -18.36 -16.83 -3.43
N ALA B 13 -19.09 -15.89 -2.85
CA ALA B 13 -20.49 -15.70 -3.20
C ALA B 13 -20.63 -14.56 -4.22
N GLY B 14 -19.50 -14.01 -4.64
CA GLY B 14 -19.51 -12.92 -5.60
C GLY B 14 -19.39 -13.39 -7.04
N PHE B 15 -19.15 -12.47 -7.96
CA PHE B 15 -19.03 -12.79 -9.38
C PHE B 15 -17.87 -13.73 -9.74
N ILE B 16 -16.64 -13.24 -9.66
CA ILE B 16 -15.47 -14.03 -10.00
C ILE B 16 -15.26 -15.22 -9.06
N GLY B 17 -15.45 -14.99 -7.76
CA GLY B 17 -15.28 -16.05 -6.78
C GLY B 17 -16.23 -17.22 -6.96
N SER B 18 -17.51 -16.94 -7.24
CA SER B 18 -18.47 -18.03 -7.41
C SER B 18 -18.14 -18.86 -8.64
N ASN B 19 -17.64 -18.21 -9.69
CA ASN B 19 -17.27 -18.93 -10.90
C ASN B 19 -16.07 -19.84 -10.62
N PHE B 20 -15.19 -19.42 -9.72
CA PHE B 20 -14.03 -20.24 -9.36
C PHE B 20 -14.48 -21.46 -8.55
N VAL B 21 -15.43 -21.28 -7.65
CA VAL B 21 -15.92 -22.40 -6.84
C VAL B 21 -16.60 -23.43 -7.73
N HIS B 22 -17.33 -22.97 -8.75
CA HIS B 22 -17.99 -23.88 -9.67
C HIS B 22 -16.93 -24.64 -10.46
N TYR B 23 -15.86 -23.95 -10.82
CA TYR B 23 -14.76 -24.55 -11.57
C TYR B 23 -14.12 -25.68 -10.77
N VAL B 24 -13.90 -25.44 -9.47
CA VAL B 24 -13.30 -26.46 -8.60
C VAL B 24 -14.25 -27.65 -8.44
N TYR B 25 -15.54 -27.38 -8.25
CA TYR B 25 -16.52 -28.46 -8.07
C TYR B 25 -16.55 -29.38 -9.28
N ASN B 26 -16.50 -28.79 -10.47
CA ASN B 26 -16.57 -29.55 -11.71
C ASN B 26 -15.28 -30.19 -12.21
N ASN B 27 -14.14 -29.59 -11.87
CA ASN B 27 -12.86 -30.11 -12.35
C ASN B 27 -11.90 -30.72 -11.34
N HIS B 28 -12.16 -30.55 -10.05
CA HIS B 28 -11.29 -31.09 -9.02
C HIS B 28 -12.13 -31.67 -7.88
N PRO B 29 -12.81 -32.78 -8.14
CA PRO B 29 -13.68 -33.48 -7.18
C PRO B 29 -13.07 -33.94 -5.85
N ASP B 30 -11.76 -33.91 -5.74
CA ASP B 30 -11.09 -34.32 -4.50
C ASP B 30 -10.94 -33.18 -3.49
N VAL B 31 -11.40 -31.98 -3.88
CA VAL B 31 -11.28 -30.81 -3.02
C VAL B 31 -12.57 -30.38 -2.33
N HIS B 32 -12.50 -30.16 -1.01
CA HIS B 32 -13.65 -29.69 -0.26
C HIS B 32 -13.48 -28.17 -0.18
N VAL B 33 -14.57 -27.43 -0.36
CA VAL B 33 -14.49 -25.97 -0.32
C VAL B 33 -15.35 -25.32 0.76
N THR B 34 -14.75 -24.40 1.50
CA THR B 34 -15.44 -23.64 2.53
C THR B 34 -15.41 -22.19 2.07
N VAL B 35 -16.58 -21.64 1.75
CA VAL B 35 -16.67 -20.25 1.32
C VAL B 35 -16.92 -19.33 2.51
N LEU B 36 -16.12 -18.27 2.63
CA LEU B 36 -16.30 -17.29 3.69
C LEU B 36 -16.73 -16.02 2.98
N ASP B 37 -17.99 -15.61 3.19
CA ASP B 37 -18.51 -14.43 2.53
C ASP B 37 -19.47 -13.65 3.44
N LYS B 38 -19.34 -12.33 3.44
CA LYS B 38 -20.14 -11.45 4.27
C LYS B 38 -21.54 -11.16 3.72
N LEU B 39 -21.74 -11.49 2.45
CA LEU B 39 -23.01 -11.26 1.77
C LEU B 39 -23.42 -9.78 1.78
N THR B 40 -22.53 -8.94 1.26
CA THR B 40 -22.81 -7.51 1.16
C THR B 40 -23.80 -7.37 -0.01
N TYR B 41 -24.00 -6.14 -0.47
CA TYR B 41 -24.90 -5.90 -1.59
C TYR B 41 -24.47 -6.74 -2.80
N ALA B 42 -23.19 -7.07 -2.86
CA ALA B 42 -22.62 -7.84 -3.97
C ALA B 42 -22.64 -9.36 -3.80
N GLY B 43 -22.79 -9.84 -2.57
CA GLY B 43 -22.82 -11.28 -2.35
C GLY B 43 -24.20 -11.86 -2.62
N ASN B 44 -24.24 -13.04 -3.23
CA ASN B 44 -25.53 -13.67 -3.56
C ASN B 44 -25.47 -15.18 -3.41
N LYS B 45 -26.25 -15.72 -2.48
CA LYS B 45 -26.26 -17.16 -2.24
C LYS B 45 -26.69 -17.94 -3.48
N ALA B 46 -27.52 -17.32 -4.31
CA ALA B 46 -27.99 -17.95 -5.52
C ALA B 46 -26.85 -18.33 -6.46
N ASN B 47 -25.72 -17.62 -6.35
CA ASN B 47 -24.56 -17.90 -7.20
C ASN B 47 -23.90 -19.25 -6.85
N LEU B 48 -24.24 -19.79 -5.68
CA LEU B 48 -23.66 -21.05 -5.21
C LEU B 48 -24.67 -22.16 -4.94
N GLU B 49 -25.92 -21.79 -4.70
CA GLU B 49 -26.99 -22.73 -4.35
C GLU B 49 -26.93 -24.13 -4.97
N ALA B 50 -26.78 -24.19 -6.29
CA ALA B 50 -26.75 -25.48 -6.97
C ALA B 50 -25.72 -26.47 -6.43
N ILE B 51 -24.54 -25.98 -6.06
CA ILE B 51 -23.48 -26.87 -5.57
C ILE B 51 -23.26 -26.94 -4.05
N LEU B 52 -24.10 -26.28 -3.27
CA LEU B 52 -23.95 -26.34 -1.82
C LEU B 52 -24.36 -27.73 -1.34
N GLY B 53 -23.57 -28.29 -0.42
CA GLY B 53 -23.84 -29.62 0.10
C GLY B 53 -22.62 -30.19 0.79
N ASP B 54 -22.39 -31.49 0.63
CA ASP B 54 -21.24 -32.14 1.27
C ASP B 54 -19.88 -31.63 0.78
N ARG B 55 -19.84 -31.14 -0.45
CA ARG B 55 -18.58 -30.67 -1.06
C ARG B 55 -18.28 -29.18 -0.91
N VAL B 56 -19.32 -28.36 -0.80
CA VAL B 56 -19.15 -26.92 -0.65
C VAL B 56 -20.03 -26.37 0.48
N GLU B 57 -19.41 -25.69 1.44
CA GLU B 57 -20.13 -25.10 2.56
C GLU B 57 -20.01 -23.57 2.54
N LEU B 58 -21.11 -22.88 2.85
CA LEU B 58 -21.09 -21.42 2.90
C LEU B 58 -21.17 -20.93 4.34
N VAL B 59 -20.16 -20.18 4.76
CA VAL B 59 -20.11 -19.62 6.09
C VAL B 59 -20.22 -18.10 5.94
N VAL B 60 -21.28 -17.52 6.52
CA VAL B 60 -21.47 -16.08 6.42
C VAL B 60 -20.68 -15.36 7.50
N GLY B 61 -19.73 -14.52 7.07
CA GLY B 61 -18.90 -13.80 8.01
C GLY B 61 -17.97 -12.81 7.34
N ASP B 62 -17.26 -12.05 8.18
CA ASP B 62 -16.32 -11.01 7.72
C ASP B 62 -14.87 -11.51 7.79
N ILE B 63 -14.08 -11.24 6.75
CA ILE B 63 -12.69 -11.66 6.75
C ILE B 63 -11.85 -10.91 7.79
N ALA B 64 -12.44 -9.86 8.36
CA ALA B 64 -11.75 -9.09 9.40
C ALA B 64 -12.08 -9.61 10.80
N ASP B 65 -12.95 -10.62 10.87
CA ASP B 65 -13.34 -11.25 12.14
C ASP B 65 -12.26 -12.27 12.47
N ALA B 66 -11.25 -11.85 13.23
CA ALA B 66 -10.13 -12.73 13.59
C ALA B 66 -10.49 -14.05 14.26
N GLU B 67 -11.50 -14.03 15.12
CA GLU B 67 -11.92 -15.25 15.82
C GLU B 67 -12.49 -16.28 14.84
N LEU B 68 -13.37 -15.83 13.96
CA LEU B 68 -13.98 -16.73 12.98
C LEU B 68 -12.94 -17.24 11.99
N VAL B 69 -12.07 -16.35 11.52
CA VAL B 69 -11.03 -16.74 10.58
C VAL B 69 -10.09 -17.79 11.18
N ASP B 70 -9.81 -17.66 12.48
CA ASP B 70 -8.93 -18.60 13.15
C ASP B 70 -9.56 -19.99 13.18
N LYS B 71 -10.86 -20.02 13.46
CA LYS B 71 -11.60 -21.28 13.54
C LYS B 71 -11.58 -22.02 12.20
N LEU B 72 -11.78 -21.28 11.10
CA LEU B 72 -11.78 -21.89 9.77
C LEU B 72 -10.38 -22.25 9.29
N ALA B 73 -9.42 -21.37 9.52
CA ALA B 73 -8.05 -21.60 9.07
C ALA B 73 -7.43 -22.82 9.72
N ALA B 74 -7.85 -23.12 10.95
CA ALA B 74 -7.32 -24.26 11.70
C ALA B 74 -7.56 -25.60 11.01
N LYS B 75 -8.53 -25.65 10.11
CA LYS B 75 -8.83 -26.90 9.41
C LYS B 75 -8.68 -26.86 7.89
N ALA B 76 -7.92 -25.89 7.39
CA ALA B 76 -7.72 -25.76 5.94
C ALA B 76 -6.26 -25.92 5.54
N ASP B 77 -5.99 -26.15 4.26
CA ASP B 77 -4.62 -26.27 3.79
C ASP B 77 -4.29 -25.21 2.73
N ALA B 78 -5.23 -24.31 2.49
CA ALA B 78 -5.03 -23.22 1.53
C ALA B 78 -6.16 -22.20 1.59
N ILE B 79 -5.82 -20.96 1.26
CA ILE B 79 -6.79 -19.86 1.22
C ILE B 79 -6.65 -19.14 -0.12
N VAL B 80 -7.75 -19.01 -0.85
CA VAL B 80 -7.77 -18.30 -2.13
C VAL B 80 -8.63 -17.08 -1.81
N HIS B 81 -8.00 -15.90 -1.82
CA HIS B 81 -8.64 -14.65 -1.42
C HIS B 81 -9.24 -13.71 -2.49
N TYR B 82 -10.57 -13.75 -2.64
CA TYR B 82 -11.30 -12.91 -3.59
C TYR B 82 -12.10 -11.78 -2.93
N ALA B 83 -12.41 -11.94 -1.64
CA ALA B 83 -13.20 -10.95 -0.90
C ALA B 83 -12.66 -9.53 -0.97
N ALA B 84 -13.55 -8.60 -1.33
CA ALA B 84 -13.18 -7.19 -1.44
C ALA B 84 -14.35 -6.33 -1.90
N GLU B 85 -14.21 -5.03 -1.68
CA GLU B 85 -15.18 -4.04 -2.17
C GLU B 85 -14.51 -3.80 -3.52
N SER B 86 -15.23 -4.10 -4.60
CA SER B 86 -14.64 -4.00 -5.94
C SER B 86 -15.08 -2.92 -6.90
N HIS B 87 -15.88 -1.96 -6.46
CA HIS B 87 -16.36 -0.95 -7.40
C HIS B 87 -15.81 0.47 -7.18
N ASN B 88 -15.09 0.98 -8.17
CA ASN B 88 -14.49 2.31 -8.13
C ASN B 88 -15.51 3.40 -7.77
N ASP B 89 -16.66 3.37 -8.44
CA ASP B 89 -17.70 4.38 -8.20
C ASP B 89 -18.17 4.41 -6.75
N ASN B 90 -18.31 3.25 -6.12
CA ASN B 90 -18.72 3.21 -4.72
C ASN B 90 -17.61 3.76 -3.84
N SER B 91 -16.35 3.47 -4.19
CA SER B 91 -15.21 3.92 -3.41
C SER B 91 -15.08 5.44 -3.41
N LEU B 92 -15.56 6.08 -4.48
CA LEU B 92 -15.50 7.54 -4.59
C LEU B 92 -16.59 8.19 -3.73
N ASN B 93 -17.66 7.44 -3.46
CA ASN B 93 -18.76 7.95 -2.65
C ASN B 93 -18.53 7.74 -1.16
N ASP B 94 -17.95 6.58 -0.81
CA ASP B 94 -17.66 6.24 0.58
C ASP B 94 -16.53 5.22 0.62
N PRO B 95 -15.30 5.68 0.89
CA PRO B 95 -14.09 4.85 0.97
C PRO B 95 -14.01 3.93 2.19
N SER B 96 -14.79 4.22 3.22
CA SER B 96 -14.76 3.45 4.45
C SER B 96 -14.71 1.93 4.33
N PRO B 97 -15.67 1.32 3.62
CA PRO B 97 -15.63 -0.15 3.49
C PRO B 97 -14.43 -0.69 2.71
N PHE B 98 -13.85 0.13 1.85
CA PHE B 98 -12.69 -0.30 1.07
C PHE B 98 -11.48 -0.40 2.01
N ILE B 99 -11.35 0.57 2.92
CA ILE B 99 -10.25 0.55 3.88
C ILE B 99 -10.35 -0.70 4.76
N HIS B 100 -11.55 -0.92 5.28
CA HIS B 100 -11.82 -2.06 6.16
C HIS B 100 -11.58 -3.42 5.52
N THR B 101 -12.30 -3.69 4.43
CA THR B 101 -12.21 -4.97 3.75
C THR B 101 -10.94 -5.25 2.95
N ASN B 102 -10.57 -4.31 2.08
CA ASN B 102 -9.40 -4.53 1.24
C ASN B 102 -8.06 -4.58 1.97
N PHE B 103 -7.86 -3.69 2.94
CA PHE B 103 -6.59 -3.70 3.67
C PHE B 103 -6.64 -4.47 4.98
N ILE B 104 -7.49 -4.05 5.92
CA ILE B 104 -7.56 -4.76 7.21
C ILE B 104 -7.93 -6.23 7.03
N GLY B 105 -8.83 -6.50 6.06
CA GLY B 105 -9.23 -7.87 5.80
C GLY B 105 -8.07 -8.74 5.32
N THR B 106 -7.27 -8.23 4.39
CA THR B 106 -6.13 -8.99 3.89
C THR B 106 -5.12 -9.25 5.02
N TYR B 107 -4.89 -8.22 5.84
CA TYR B 107 -3.96 -8.34 6.97
C TYR B 107 -4.40 -9.47 7.92
N THR B 108 -5.69 -9.50 8.23
CA THR B 108 -6.23 -10.53 9.12
C THR B 108 -5.99 -11.94 8.57
N LEU B 109 -6.26 -12.12 7.28
CA LEU B 109 -6.06 -13.41 6.65
C LEU B 109 -4.58 -13.80 6.59
N LEU B 110 -3.71 -12.83 6.35
CA LEU B 110 -2.27 -13.10 6.31
C LEU B 110 -1.74 -13.61 7.65
N GLU B 111 -2.26 -13.05 8.74
CA GLU B 111 -1.82 -13.48 10.07
C GLU B 111 -2.27 -14.90 10.37
N ALA B 112 -3.44 -15.26 9.83
CA ALA B 112 -3.97 -16.62 10.03
C ALA B 112 -3.15 -17.61 9.22
N ALA B 113 -2.76 -17.21 8.00
CA ALA B 113 -1.94 -18.08 7.15
C ALA B 113 -0.56 -18.26 7.78
N ARG B 114 -0.07 -17.21 8.44
CA ARG B 114 1.23 -17.26 9.10
C ARG B 114 1.19 -18.19 10.31
N LYS B 115 0.12 -18.09 11.10
CA LYS B 115 -0.03 -18.92 12.29
C LYS B 115 -0.09 -20.41 11.98
N TYR B 116 -0.90 -20.79 10.99
CA TYR B 116 -1.03 -22.20 10.63
C TYR B 116 -0.09 -22.68 9.54
N ASP B 117 0.72 -21.77 9.00
CA ASP B 117 1.68 -22.09 7.96
C ASP B 117 1.06 -22.77 6.74
N ILE B 118 0.03 -22.13 6.16
CA ILE B 118 -0.64 -22.69 5.00
C ILE B 118 -0.54 -21.79 3.76
N ARG B 119 -0.80 -22.39 2.60
CA ARG B 119 -0.75 -21.70 1.31
C ARG B 119 -1.75 -20.55 1.21
N PHE B 120 -1.34 -19.45 0.57
CA PHE B 120 -2.19 -18.27 0.42
C PHE B 120 -2.06 -17.66 -0.98
N HIS B 121 -3.17 -17.49 -1.69
CA HIS B 121 -3.12 -16.84 -3.00
C HIS B 121 -3.99 -15.60 -3.01
N HIS B 122 -3.34 -14.46 -3.26
CA HIS B 122 -3.98 -13.15 -3.29
C HIS B 122 -4.49 -12.80 -4.70
N VAL B 123 -5.80 -12.60 -4.83
CA VAL B 123 -6.37 -12.24 -6.12
C VAL B 123 -6.44 -10.72 -6.21
N SER B 124 -5.76 -10.14 -7.20
CA SER B 124 -5.75 -8.70 -7.34
C SER B 124 -6.08 -8.19 -8.75
N THR B 125 -5.95 -6.89 -8.96
CA THR B 125 -6.31 -6.25 -10.23
C THR B 125 -5.20 -5.51 -10.97
N ASP B 126 -5.38 -5.30 -12.27
CA ASP B 126 -4.40 -4.58 -13.07
C ASP B 126 -4.46 -3.08 -12.77
N GLU B 127 -5.51 -2.64 -12.09
CA GLU B 127 -5.65 -1.22 -11.77
C GLU B 127 -4.61 -0.71 -10.78
N VAL B 128 -3.86 -1.60 -10.15
CA VAL B 128 -2.83 -1.18 -9.20
C VAL B 128 -1.69 -0.46 -9.93
N TYR B 129 -1.58 -0.71 -11.24
CA TYR B 129 -0.52 -0.11 -12.07
C TYR B 129 -0.87 1.26 -12.59
N GLY B 130 -2.10 1.68 -12.38
CA GLY B 130 -2.50 2.99 -12.86
C GLY B 130 -3.09 3.00 -14.25
N ASP B 131 -2.69 3.99 -15.04
CA ASP B 131 -3.21 4.21 -16.38
C ASP B 131 -2.16 4.23 -17.50
N LEU B 132 -2.60 3.95 -18.74
CA LEU B 132 -1.74 3.95 -19.93
C LEU B 132 -2.32 4.81 -21.05
N PRO B 133 -1.46 5.33 -21.94
CA PRO B 133 -1.96 6.15 -23.06
C PRO B 133 -2.60 5.24 -24.12
N LEU B 134 -3.42 5.82 -25.00
CA LEU B 134 -4.04 5.05 -26.07
C LEU B 134 -2.96 4.62 -27.06
N ARG B 135 -3.18 3.52 -27.77
CA ARG B 135 -2.19 3.02 -28.73
C ARG B 135 -1.80 4.01 -29.81
N GLU B 136 -2.75 4.82 -30.28
CA GLU B 136 -2.44 5.79 -31.33
C GLU B 136 -1.49 6.88 -30.84
N ASP B 137 -1.30 6.97 -29.53
CA ASP B 137 -0.41 7.99 -28.97
C ASP B 137 0.91 7.41 -28.45
N LEU B 138 1.17 6.15 -28.78
CA LEU B 138 2.39 5.48 -28.34
C LEU B 138 3.34 5.20 -29.50
N PRO B 139 4.65 5.46 -29.32
CA PRO B 139 5.65 5.22 -30.36
C PRO B 139 5.67 3.81 -30.93
N GLY B 140 5.27 2.83 -30.11
CA GLY B 140 5.26 1.46 -30.57
C GLY B 140 3.86 0.90 -30.84
N HIS B 141 2.85 1.77 -30.82
CA HIS B 141 1.47 1.36 -31.04
C HIS B 141 1.00 0.26 -30.07
N GLY B 142 1.56 0.25 -28.86
CA GLY B 142 1.17 -0.75 -27.88
C GLY B 142 2.01 -2.02 -27.83
N GLU B 143 2.91 -2.17 -28.80
CA GLU B 143 3.76 -3.36 -28.88
C GLU B 143 5.16 -3.15 -28.33
N GLY B 144 5.48 -1.92 -27.94
CA GLY B 144 6.80 -1.62 -27.41
C GLY B 144 6.95 -1.82 -25.91
N PRO B 145 8.19 -1.80 -25.41
CA PRO B 145 8.46 -1.99 -23.97
C PRO B 145 7.74 -0.94 -23.13
N GLY B 146 7.02 -1.39 -22.12
CA GLY B 146 6.29 -0.48 -21.24
C GLY B 146 4.97 0.03 -21.77
N GLU B 147 4.55 -0.45 -22.94
CA GLU B 147 3.29 -0.01 -23.53
C GLU B 147 2.13 -0.91 -23.11
N LYS B 148 2.45 -1.90 -22.27
CA LYS B 148 1.50 -2.85 -21.68
C LYS B 148 2.02 -3.11 -20.27
N PHE B 149 1.14 -3.52 -19.35
CA PHE B 149 1.56 -3.81 -17.98
C PHE B 149 2.32 -5.14 -17.92
N THR B 150 3.40 -5.18 -17.12
CA THR B 150 4.18 -6.40 -16.93
C THR B 150 4.41 -6.57 -15.42
N ALA B 151 5.06 -7.66 -15.02
CA ALA B 151 5.33 -7.90 -13.61
C ALA B 151 6.32 -6.89 -13.03
N GLU B 152 6.95 -6.11 -13.90
CA GLU B 152 7.94 -5.12 -13.47
C GLU B 152 7.40 -3.70 -13.48
N THR B 153 6.13 -3.54 -13.84
CA THR B 153 5.52 -2.22 -13.89
C THR B 153 5.34 -1.61 -12.50
N ASN B 154 5.55 -0.30 -12.40
CA ASN B 154 5.41 0.43 -11.14
C ASN B 154 3.96 0.53 -10.68
N TYR B 155 3.75 0.48 -9.37
CA TYR B 155 2.43 0.63 -8.80
C TYR B 155 2.14 2.14 -8.87
N ASN B 156 0.91 2.51 -9.24
CA ASN B 156 0.54 3.93 -9.33
C ASN B 156 -0.97 4.07 -9.41
N PRO B 157 -1.70 3.55 -8.39
CA PRO B 157 -3.16 3.58 -8.30
C PRO B 157 -3.78 4.97 -8.23
N SER B 158 -4.91 5.14 -8.88
CA SER B 158 -5.62 6.41 -8.96
C SER B 158 -6.77 6.64 -7.99
N SER B 159 -7.46 5.58 -7.56
CA SER B 159 -8.63 5.73 -6.71
C SER B 159 -8.58 4.99 -5.38
N PRO B 160 -9.58 5.22 -4.51
CA PRO B 160 -9.63 4.54 -3.21
C PRO B 160 -9.68 3.03 -3.42
N TYR B 161 -10.39 2.59 -4.46
CA TYR B 161 -10.48 1.16 -4.75
C TYR B 161 -9.13 0.59 -5.16
N SER B 162 -8.52 1.16 -6.20
CA SER B 162 -7.24 0.65 -6.67
C SER B 162 -6.08 0.84 -5.70
N SER B 163 -6.12 1.91 -4.89
CA SER B 163 -5.04 2.14 -3.93
C SER B 163 -5.15 1.18 -2.74
N THR B 164 -6.37 0.83 -2.32
CA THR B 164 -6.48 -0.12 -1.20
C THR B 164 -6.11 -1.51 -1.69
N LYS B 165 -6.38 -1.83 -2.95
CA LYS B 165 -6.00 -3.13 -3.49
C LYS B 165 -4.47 -3.17 -3.59
N ALA B 166 -3.87 -2.09 -4.11
CA ALA B 166 -2.41 -2.03 -4.23
C ALA B 166 -1.78 -2.15 -2.85
N ALA B 167 -2.38 -1.50 -1.85
CA ALA B 167 -1.87 -1.55 -0.50
C ALA B 167 -1.86 -3.00 0.02
N SER B 168 -2.91 -3.76 -0.29
CA SER B 168 -2.97 -5.15 0.16
C SER B 168 -1.88 -5.98 -0.52
N ASP B 169 -1.62 -5.71 -1.79
CA ASP B 169 -0.58 -6.41 -2.54
C ASP B 169 0.77 -6.24 -1.84
N LEU B 170 1.05 -5.00 -1.42
CA LEU B 170 2.31 -4.70 -0.75
C LEU B 170 2.53 -5.44 0.56
N ILE B 171 1.52 -5.53 1.42
CA ILE B 171 1.72 -6.26 2.66
C ILE B 171 1.83 -7.77 2.42
N VAL B 172 1.21 -8.28 1.35
CA VAL B 172 1.33 -9.70 1.07
C VAL B 172 2.81 -10.00 0.77
N LYS B 173 3.42 -9.17 -0.08
CA LYS B 173 4.83 -9.36 -0.43
C LYS B 173 5.77 -9.22 0.78
N ALA B 174 5.48 -8.27 1.65
CA ALA B 174 6.31 -8.07 2.84
C ALA B 174 6.21 -9.25 3.80
N TRP B 175 5.02 -9.87 3.88
CA TRP B 175 4.85 -11.02 4.77
C TRP B 175 5.64 -12.22 4.23
N VAL B 176 5.82 -12.27 2.92
CA VAL B 176 6.60 -13.36 2.33
C VAL B 176 8.09 -13.17 2.69
N ARG B 177 8.62 -11.97 2.46
CA ARG B 177 10.01 -11.70 2.75
C ARG B 177 10.37 -11.72 4.24
N SER B 178 9.48 -11.20 5.08
CA SER B 178 9.73 -11.12 6.51
C SER B 178 9.40 -12.36 7.34
N PHE B 179 8.31 -13.03 7.00
CA PHE B 179 7.86 -14.19 7.76
C PHE B 179 7.84 -15.55 7.02
N GLY B 180 8.12 -15.53 5.72
CA GLY B 180 8.12 -16.78 4.98
C GLY B 180 6.75 -17.32 4.64
N VAL B 181 5.74 -16.45 4.61
CA VAL B 181 4.40 -16.89 4.26
C VAL B 181 4.42 -17.45 2.84
N LYS B 182 3.70 -18.55 2.63
CA LYS B 182 3.65 -19.21 1.32
C LYS B 182 2.61 -18.58 0.41
N ALA B 183 2.86 -17.34 -0.03
CA ALA B 183 1.92 -16.64 -0.88
C ALA B 183 2.37 -16.32 -2.30
N THR B 184 1.38 -16.18 -3.18
CA THR B 184 1.57 -15.81 -4.57
C THR B 184 0.52 -14.73 -4.85
N ILE B 185 0.73 -13.94 -5.89
CA ILE B 185 -0.22 -12.87 -6.23
C ILE B 185 -0.55 -12.89 -7.72
N SER B 186 -1.80 -12.57 -8.06
CA SER B 186 -2.21 -12.49 -9.46
C SER B 186 -2.91 -11.15 -9.70
N ASN B 187 -2.60 -10.51 -10.82
CA ASN B 187 -3.23 -9.24 -11.18
C ASN B 187 -3.90 -9.51 -12.54
N CYS B 188 -5.21 -9.37 -12.58
CA CYS B 188 -5.97 -9.66 -13.78
C CYS B 188 -6.69 -8.47 -14.41
N SER B 189 -6.98 -8.58 -15.71
CA SER B 189 -7.68 -7.53 -16.44
C SER B 189 -9.20 -7.63 -16.20
N ASN B 190 -9.98 -6.75 -16.84
CA ASN B 190 -11.45 -6.74 -16.67
C ASN B 190 -12.14 -8.05 -17.02
N ASN B 191 -12.87 -8.63 -16.07
CA ASN B 191 -13.61 -9.88 -16.30
C ASN B 191 -15.02 -9.60 -16.78
N TYR B 192 -15.60 -10.58 -17.48
CA TYR B 192 -16.98 -10.48 -17.96
C TYR B 192 -17.53 -11.90 -18.00
N GLY B 193 -18.85 -12.03 -17.96
CA GLY B 193 -19.46 -13.35 -18.00
C GLY B 193 -20.67 -13.51 -17.10
N PRO B 194 -21.12 -14.75 -16.89
CA PRO B 194 -22.29 -15.04 -16.04
C PRO B 194 -22.11 -14.67 -14.59
N TYR B 195 -23.19 -14.16 -13.99
CA TYR B 195 -23.24 -13.77 -12.59
C TYR B 195 -22.57 -12.46 -12.16
N GLN B 196 -22.27 -11.56 -13.09
CA GLN B 196 -21.64 -10.30 -12.68
C GLN B 196 -22.73 -9.32 -12.22
N HIS B 197 -22.48 -8.63 -11.10
CA HIS B 197 -23.44 -7.67 -10.56
C HIS B 197 -23.79 -6.61 -11.60
N ILE B 198 -25.06 -6.21 -11.64
CA ILE B 198 -25.52 -5.24 -12.62
C ILE B 198 -25.00 -3.80 -12.48
N GLU B 199 -24.13 -3.56 -11.50
CA GLU B 199 -23.58 -2.22 -11.33
C GLU B 199 -22.39 -2.04 -12.27
N LYS B 200 -21.83 -3.16 -12.72
CA LYS B 200 -20.68 -3.14 -13.62
C LYS B 200 -21.06 -2.85 -15.08
N PHE B 201 -20.13 -2.27 -15.82
CA PHE B 201 -20.33 -1.86 -17.20
C PHE B 201 -21.17 -2.74 -18.14
N ILE B 202 -20.60 -3.86 -18.59
CA ILE B 202 -21.31 -4.74 -19.51
C ILE B 202 -22.69 -5.20 -19.04
N PRO B 203 -22.79 -5.77 -17.83
CA PRO B 203 -24.11 -6.21 -17.38
C PRO B 203 -25.12 -5.06 -17.23
N ARG B 204 -24.64 -3.88 -16.84
CA ARG B 204 -25.52 -2.74 -16.68
C ARG B 204 -26.20 -2.37 -18.01
N GLN B 205 -25.43 -2.38 -19.09
CA GLN B 205 -25.97 -2.04 -20.40
C GLN B 205 -26.96 -3.09 -20.89
N ILE B 206 -26.58 -4.36 -20.76
CA ILE B 206 -27.44 -5.47 -21.18
C ILE B 206 -28.79 -5.46 -20.47
N THR B 207 -28.77 -5.45 -19.14
CA THR B 207 -30.00 -5.47 -18.34
C THR B 207 -30.82 -4.19 -18.49
N ASN B 208 -30.17 -3.07 -18.79
CA ASN B 208 -30.89 -1.81 -18.98
C ASN B 208 -31.76 -1.94 -20.23
N ILE B 209 -31.20 -2.54 -21.26
CA ILE B 209 -31.91 -2.74 -22.52
C ILE B 209 -33.08 -3.70 -22.32
N LEU B 210 -32.86 -4.74 -21.52
CA LEU B 210 -33.91 -5.73 -21.25
C LEU B 210 -35.02 -5.14 -20.38
N ALA B 211 -34.68 -4.08 -19.64
CA ALA B 211 -35.64 -3.44 -18.75
C ALA B 211 -36.29 -2.18 -19.33
N GLY B 212 -35.95 -1.86 -20.58
CA GLY B 212 -36.51 -0.69 -21.22
C GLY B 212 -35.82 0.60 -20.83
N ILE B 213 -34.58 0.50 -20.39
CA ILE B 213 -33.79 1.67 -19.99
C ILE B 213 -32.61 1.82 -20.95
N LYS B 214 -32.27 3.06 -21.29
CA LYS B 214 -31.17 3.31 -22.21
C LYS B 214 -29.80 3.15 -21.55
N PRO B 215 -28.84 2.55 -22.28
CA PRO B 215 -27.47 2.35 -21.77
C PRO B 215 -26.82 3.69 -21.40
N LYS B 216 -25.82 3.64 -20.53
CA LYS B 216 -25.13 4.85 -20.09
C LYS B 216 -23.63 4.76 -20.38
N LEU B 217 -23.11 5.78 -21.09
CA LEU B 217 -21.69 5.81 -21.44
C LEU B 217 -20.99 7.03 -20.83
N TYR B 218 -19.94 6.78 -20.06
CA TYR B 218 -19.19 7.87 -19.43
C TYR B 218 -18.43 8.64 -20.51
N GLY B 219 -18.68 9.95 -20.59
CA GLY B 219 -18.00 10.75 -21.59
C GLY B 219 -18.19 10.23 -23.00
N GLU B 220 -17.14 10.33 -23.82
CA GLU B 220 -17.18 9.86 -25.20
C GLU B 220 -16.88 8.36 -25.32
N GLY B 221 -16.46 7.75 -24.22
CA GLY B 221 -16.17 6.33 -24.24
C GLY B 221 -14.91 5.91 -24.97
N LYS B 222 -13.86 6.73 -24.90
CA LYS B 222 -12.60 6.42 -25.56
C LYS B 222 -11.73 5.52 -24.69
N ASN B 223 -12.09 5.40 -23.42
CA ASN B 223 -11.33 4.59 -22.47
C ASN B 223 -11.24 3.14 -22.97
N VAL B 224 -10.09 2.50 -22.71
CA VAL B 224 -9.86 1.12 -23.17
C VAL B 224 -9.68 0.13 -22.01
N ARG B 225 -10.26 -1.06 -22.17
CA ARG B 225 -10.17 -2.12 -21.16
C ARG B 225 -9.81 -3.45 -21.86
N ASP B 226 -9.04 -4.29 -21.18
CA ASP B 226 -8.58 -5.58 -21.71
C ASP B 226 -9.49 -6.70 -21.17
N TRP B 227 -10.49 -7.10 -21.95
CA TRP B 227 -11.46 -8.12 -21.50
C TRP B 227 -11.05 -9.59 -21.50
N ILE B 228 -11.40 -10.28 -20.42
CA ILE B 228 -11.12 -11.70 -20.28
C ILE B 228 -12.33 -12.39 -19.67
N HIS B 229 -12.66 -13.58 -20.17
CA HIS B 229 -13.81 -14.32 -19.65
C HIS B 229 -13.45 -14.93 -18.29
N THR B 230 -14.38 -14.82 -17.34
CA THR B 230 -14.17 -15.33 -16.00
C THR B 230 -13.68 -16.79 -15.96
N ASN B 231 -14.07 -17.60 -16.93
CA ASN B 231 -13.62 -18.99 -16.97
C ASN B 231 -12.12 -19.09 -17.15
N ASP B 232 -11.52 -18.17 -17.90
CA ASP B 232 -10.07 -18.17 -18.11
C ASP B 232 -9.34 -17.63 -16.88
N HIS B 233 -10.02 -16.79 -16.10
CA HIS B 233 -9.43 -16.25 -14.88
C HIS B 233 -9.34 -17.42 -13.90
N SER B 234 -10.39 -18.25 -13.87
CA SER B 234 -10.41 -19.41 -12.98
C SER B 234 -9.26 -20.39 -13.22
N THR B 235 -9.03 -20.74 -14.49
CA THR B 235 -7.93 -21.68 -14.78
C THR B 235 -6.58 -21.04 -14.51
N GLY B 236 -6.50 -19.72 -14.65
CA GLY B 236 -5.26 -19.01 -14.40
C GLY B 236 -4.92 -19.06 -12.92
N VAL B 237 -5.90 -18.78 -12.07
CA VAL B 237 -5.68 -18.84 -10.63
C VAL B 237 -5.32 -20.26 -10.20
N TRP B 238 -5.97 -21.26 -10.80
CA TRP B 238 -5.65 -22.63 -10.41
C TRP B 238 -4.21 -23.01 -10.74
N ALA B 239 -3.72 -22.57 -11.90
CA ALA B 239 -2.34 -22.87 -12.29
C ALA B 239 -1.33 -22.23 -11.34
N ILE B 240 -1.60 -20.98 -10.95
CA ILE B 240 -0.72 -20.26 -10.03
C ILE B 240 -0.75 -20.89 -8.64
N LEU B 241 -1.94 -21.25 -8.16
CA LEU B 241 -2.08 -21.85 -6.85
C LEU B 241 -1.30 -23.15 -6.72
N THR B 242 -1.41 -24.02 -7.72
CA THR B 242 -0.74 -25.31 -7.69
C THR B 242 0.67 -25.41 -8.24
N LYS B 243 1.07 -24.48 -9.10
CA LYS B 243 2.41 -24.54 -9.69
C LYS B 243 3.23 -23.25 -9.60
N GLY B 244 2.64 -22.20 -9.06
CA GLY B 244 3.34 -20.93 -8.96
C GLY B 244 4.53 -20.91 -7.99
N ARG B 245 5.52 -20.08 -8.33
CA ARG B 245 6.71 -19.93 -7.49
C ARG B 245 6.36 -19.04 -6.31
N MET B 246 6.72 -19.49 -5.11
CA MET B 246 6.43 -18.74 -3.90
C MET B 246 6.99 -17.32 -3.94
N GLY B 247 6.14 -16.35 -3.59
CA GLY B 247 6.56 -14.96 -3.57
C GLY B 247 6.46 -14.20 -4.89
N GLU B 248 6.09 -14.89 -5.96
CA GLU B 248 6.00 -14.27 -7.29
C GLU B 248 4.63 -13.71 -7.66
N THR B 249 4.63 -12.74 -8.57
CA THR B 249 3.41 -12.12 -9.07
C THR B 249 3.20 -12.55 -10.52
N TYR B 250 1.97 -12.89 -10.87
CA TYR B 250 1.65 -13.30 -12.23
C TYR B 250 0.48 -12.48 -12.78
N LEU B 251 0.59 -12.04 -14.04
CA LEU B 251 -0.47 -11.26 -14.67
C LEU B 251 -1.33 -12.15 -15.55
N ILE B 252 -2.64 -11.96 -15.46
CA ILE B 252 -3.59 -12.77 -16.23
C ILE B 252 -4.33 -11.88 -17.23
N GLY B 253 -4.27 -12.27 -18.51
CA GLY B 253 -4.92 -11.50 -19.56
C GLY B 253 -5.05 -12.34 -20.81
N ALA B 254 -5.96 -11.97 -21.69
CA ALA B 254 -6.18 -12.74 -22.91
C ALA B 254 -6.04 -11.90 -24.18
N ASP B 255 -5.31 -10.80 -24.09
CA ASP B 255 -5.08 -9.92 -25.23
C ASP B 255 -6.38 -9.52 -25.94
N GLY B 256 -7.28 -8.85 -25.19
CA GLY B 256 -8.55 -8.42 -25.76
C GLY B 256 -8.90 -6.96 -25.53
N GLU B 257 -8.00 -6.05 -25.89
CA GLU B 257 -8.25 -4.62 -25.70
C GLU B 257 -9.39 -4.09 -26.58
N LYS B 258 -10.27 -3.29 -25.98
CA LYS B 258 -11.40 -2.68 -26.70
C LYS B 258 -11.86 -1.43 -25.98
N ASN B 259 -12.31 -0.42 -26.72
CA ASN B 259 -12.79 0.80 -26.09
C ASN B 259 -14.27 0.65 -25.72
N ASN B 260 -14.67 1.34 -24.64
CA ASN B 260 -16.04 1.29 -24.15
C ASN B 260 -17.08 1.53 -25.24
N LYS B 261 -16.82 2.50 -26.09
CA LYS B 261 -17.74 2.84 -27.17
C LYS B 261 -18.04 1.66 -28.09
N GLU B 262 -17.01 0.96 -28.55
CA GLU B 262 -17.22 -0.16 -29.45
C GLU B 262 -17.88 -1.35 -28.76
N VAL B 263 -17.66 -1.49 -27.45
CA VAL B 263 -18.27 -2.59 -26.71
C VAL B 263 -19.77 -2.35 -26.61
N LEU B 264 -20.15 -1.12 -26.27
CA LEU B 264 -21.56 -0.75 -26.14
C LEU B 264 -22.30 -0.90 -27.48
N GLU B 265 -21.63 -0.54 -28.57
CA GLU B 265 -22.25 -0.63 -29.89
C GLU B 265 -22.53 -2.10 -30.26
N LEU B 266 -21.58 -2.97 -29.94
CA LEU B 266 -21.73 -4.39 -30.24
C LEU B 266 -22.93 -4.96 -29.49
N ILE B 267 -23.12 -4.50 -28.25
CA ILE B 267 -24.24 -4.96 -27.43
C ILE B 267 -25.56 -4.51 -28.05
N LEU B 268 -25.63 -3.23 -28.43
CA LEU B 268 -26.84 -2.69 -29.04
C LEU B 268 -27.16 -3.44 -30.32
N GLU B 269 -26.12 -3.75 -31.10
CA GLU B 269 -26.28 -4.48 -32.35
C GLU B 269 -26.81 -5.88 -32.13
N LYS B 270 -26.19 -6.60 -31.19
CA LYS B 270 -26.60 -7.97 -30.89
C LYS B 270 -28.01 -8.06 -30.31
N MET B 271 -28.47 -6.99 -29.67
CA MET B 271 -29.80 -6.97 -29.07
C MET B 271 -30.80 -6.21 -29.93
N GLY B 272 -30.50 -6.07 -31.23
CA GLY B 272 -31.38 -5.37 -32.14
C GLY B 272 -31.83 -4.00 -31.70
N GLN B 273 -30.86 -3.09 -31.49
CA GLN B 273 -31.16 -1.73 -31.07
C GLN B 273 -30.41 -0.72 -31.93
N PRO B 274 -31.00 0.46 -32.14
CA PRO B 274 -30.35 1.50 -32.95
C PRO B 274 -28.95 1.77 -32.41
N LYS B 275 -28.05 2.24 -33.26
CA LYS B 275 -26.67 2.51 -32.83
C LYS B 275 -26.55 3.79 -32.00
N ASP B 276 -27.63 4.55 -31.91
CA ASP B 276 -27.60 5.80 -31.14
C ASP B 276 -28.56 5.73 -29.96
N ALA B 277 -29.03 4.54 -29.64
CA ALA B 277 -29.97 4.36 -28.54
C ALA B 277 -29.27 4.26 -27.17
N TYR B 278 -28.61 5.34 -26.77
CA TYR B 278 -27.91 5.39 -25.48
C TYR B 278 -27.66 6.84 -25.08
N ASP B 279 -27.26 7.06 -23.84
CA ASP B 279 -27.00 8.41 -23.35
C ASP B 279 -25.56 8.59 -22.86
N HIS B 280 -25.02 9.77 -23.10
CA HIS B 280 -23.67 10.12 -22.64
C HIS B 280 -23.90 10.68 -21.24
N VAL B 281 -23.04 10.31 -20.28
CA VAL B 281 -23.21 10.79 -18.92
C VAL B 281 -21.94 11.33 -18.26
N THR B 282 -22.11 11.98 -17.12
CA THR B 282 -21.01 12.56 -16.34
C THR B 282 -19.86 11.58 -16.20
N ASP B 283 -18.66 12.02 -16.55
CA ASP B 283 -17.48 11.15 -16.47
C ASP B 283 -17.05 10.90 -15.03
N ARG B 284 -16.24 9.87 -14.84
CA ARG B 284 -15.73 9.48 -13.52
C ARG B 284 -14.51 10.28 -13.10
N ALA B 285 -14.50 10.74 -11.84
CA ALA B 285 -13.38 11.51 -11.32
C ALA B 285 -12.12 10.67 -11.31
N GLY B 286 -11.04 11.19 -11.90
CA GLY B 286 -9.78 10.48 -11.94
C GLY B 286 -9.78 9.27 -12.87
N HIS B 287 -10.86 9.10 -13.63
CA HIS B 287 -11.04 7.99 -14.57
C HIS B 287 -9.76 7.56 -15.28
N ASP B 288 -9.46 6.25 -15.24
CA ASP B 288 -8.27 5.73 -15.90
C ASP B 288 -8.52 5.56 -17.41
N LEU B 289 -7.52 5.93 -18.22
CA LEU B 289 -7.62 5.86 -19.68
C LEU B 289 -7.58 4.46 -20.31
N ARG B 290 -6.39 3.85 -20.37
CA ARG B 290 -6.26 2.51 -20.97
C ARG B 290 -5.54 1.48 -20.09
N TYR B 291 -6.07 0.26 -20.06
CA TYR B 291 -5.47 -0.85 -19.31
C TYR B 291 -5.08 -1.91 -20.35
N ALA B 292 -3.92 -2.54 -20.17
CA ALA B 292 -3.45 -3.57 -21.10
C ALA B 292 -2.48 -4.50 -20.39
N ILE B 293 -2.68 -5.81 -20.54
CA ILE B 293 -1.84 -6.80 -19.89
C ILE B 293 -0.98 -7.69 -20.80
N ASP B 294 0.29 -7.85 -20.42
CA ASP B 294 1.22 -8.73 -21.13
C ASP B 294 1.29 -9.96 -20.21
N ALA B 295 0.67 -11.07 -20.63
CA ALA B 295 0.64 -12.27 -19.80
C ALA B 295 1.72 -13.30 -20.13
N SER B 296 2.83 -12.86 -20.71
CA SER B 296 3.92 -13.76 -21.07
C SER B 296 4.47 -14.65 -19.94
N LYS B 297 4.64 -14.08 -18.76
CA LYS B 297 5.18 -14.85 -17.63
C LYS B 297 4.33 -16.08 -17.31
N LEU B 298 3.02 -15.88 -17.21
CA LEU B 298 2.09 -16.98 -16.91
C LEU B 298 2.06 -18.03 -18.02
N ARG B 299 2.04 -17.56 -19.27
CA ARG B 299 2.01 -18.47 -20.41
C ARG B 299 3.28 -19.30 -20.53
N ASP B 300 4.43 -18.62 -20.50
CA ASP B 300 5.72 -19.26 -20.64
C ASP B 300 6.17 -20.14 -19.49
N GLU B 301 6.03 -19.64 -18.26
CA GLU B 301 6.45 -20.39 -17.09
C GLU B 301 5.49 -21.47 -16.57
N LEU B 302 4.18 -21.26 -16.70
CA LEU B 302 3.22 -22.23 -16.20
C LEU B 302 2.43 -22.99 -17.26
N GLY B 303 2.65 -22.65 -18.53
CA GLY B 303 1.96 -23.32 -19.62
C GLY B 303 0.46 -23.07 -19.73
N TRP B 304 -0.01 -21.94 -19.22
CA TRP B 304 -1.43 -21.58 -19.26
C TRP B 304 -1.80 -20.91 -20.59
N THR B 305 -3.01 -21.17 -21.06
CA THR B 305 -3.50 -20.57 -22.31
C THR B 305 -5.01 -20.30 -22.16
N PRO B 306 -5.46 -19.10 -22.54
CA PRO B 306 -6.88 -18.75 -22.46
C PRO B 306 -7.69 -19.47 -23.53
N GLN B 307 -8.90 -19.90 -23.18
CA GLN B 307 -9.75 -20.62 -24.12
C GLN B 307 -10.83 -19.77 -24.80
N PHE B 308 -11.22 -18.68 -24.15
CA PHE B 308 -12.25 -17.79 -24.71
C PHE B 308 -11.63 -16.55 -25.32
N THR B 309 -11.04 -16.69 -26.50
CA THR B 309 -10.42 -15.56 -27.19
C THR B 309 -11.36 -14.82 -28.13
N ASP B 310 -12.52 -15.39 -28.39
CA ASP B 310 -13.50 -14.77 -29.27
C ASP B 310 -14.50 -13.96 -28.46
N PHE B 311 -14.22 -12.66 -28.31
CA PHE B 311 -15.07 -11.77 -27.53
C PHE B 311 -16.51 -11.69 -28.04
N SER B 312 -16.67 -11.62 -29.36
CA SER B 312 -18.01 -11.53 -29.93
C SER B 312 -18.86 -12.71 -29.50
N GLU B 313 -18.28 -13.91 -29.55
CA GLU B 313 -18.99 -15.12 -29.14
C GLU B 313 -19.24 -15.14 -27.64
N GLY B 314 -18.24 -14.72 -26.87
CA GLY B 314 -18.36 -14.69 -25.43
C GLY B 314 -19.46 -13.74 -24.99
N LEU B 315 -19.49 -12.56 -25.61
CA LEU B 315 -20.49 -11.55 -25.28
C LEU B 315 -21.89 -12.05 -25.63
N GLU B 316 -21.99 -12.78 -26.74
CA GLU B 316 -23.28 -13.31 -27.18
C GLU B 316 -23.87 -14.20 -26.09
N GLU B 317 -23.05 -15.13 -25.60
CA GLU B 317 -23.46 -16.06 -24.56
C GLU B 317 -23.80 -15.35 -23.25
N THR B 318 -23.11 -14.25 -22.96
CA THR B 318 -23.35 -13.50 -21.74
C THR B 318 -24.70 -12.78 -21.81
N ILE B 319 -25.00 -12.19 -22.96
CA ILE B 319 -26.27 -11.50 -23.15
C ILE B 319 -27.40 -12.52 -23.01
N GLN B 320 -27.16 -13.72 -23.52
CA GLN B 320 -28.15 -14.79 -23.46
C GLN B 320 -28.39 -15.24 -22.02
N TRP B 321 -27.33 -15.25 -21.21
CA TRP B 321 -27.44 -15.66 -19.83
C TRP B 321 -28.33 -14.69 -19.05
N TYR B 322 -28.09 -13.40 -19.22
CA TYR B 322 -28.89 -12.39 -18.53
C TYR B 322 -30.32 -12.34 -19.05
N THR B 323 -30.52 -12.84 -20.27
CA THR B 323 -31.84 -12.87 -20.89
C THR B 323 -32.65 -14.06 -20.35
N ASP B 324 -31.97 -15.16 -20.04
CA ASP B 324 -32.64 -16.35 -19.52
C ASP B 324 -32.74 -16.36 -17.99
N ASN B 325 -32.05 -15.44 -17.33
CA ASN B 325 -32.07 -15.38 -15.87
C ASN B 325 -32.46 -14.00 -15.36
N GLN B 326 -33.55 -13.44 -15.87
CA GLN B 326 -33.99 -12.11 -15.45
C GLN B 326 -34.46 -12.05 -14.00
N ASP B 327 -34.92 -13.18 -13.47
CA ASP B 327 -35.38 -13.23 -12.09
C ASP B 327 -34.20 -13.06 -11.12
N TRP B 328 -33.00 -13.29 -11.63
CA TRP B 328 -31.77 -13.17 -10.84
C TRP B 328 -31.39 -11.74 -10.53
N TRP B 329 -31.80 -10.79 -11.38
CA TRP B 329 -31.44 -9.39 -11.19
C TRP B 329 -32.57 -8.35 -11.22
N LYS B 330 -33.73 -8.71 -11.76
CA LYS B 330 -34.84 -7.76 -11.85
C LYS B 330 -35.16 -6.96 -10.59
N ALA B 331 -35.04 -7.60 -9.43
CA ALA B 331 -35.36 -6.92 -8.16
C ALA B 331 -34.37 -5.81 -7.77
N GLU B 332 -33.15 -5.88 -8.28
CA GLU B 332 -32.13 -4.87 -7.95
C GLU B 332 -32.00 -3.72 -8.95
N LYS B 333 -32.57 -3.89 -10.13
CA LYS B 333 -32.48 -2.87 -11.18
C LYS B 333 -32.80 -1.45 -10.72
N GLU B 334 -33.98 -1.24 -10.16
CA GLU B 334 -34.40 0.07 -9.71
C GLU B 334 -33.44 0.76 -8.73
N ALA B 335 -33.00 0.01 -7.71
CA ALA B 335 -32.10 0.56 -6.70
C ALA B 335 -30.75 0.99 -7.27
N VAL B 336 -30.16 0.18 -8.13
CA VAL B 336 -28.87 0.49 -8.72
C VAL B 336 -28.87 1.75 -9.58
N GLU B 337 -29.88 1.89 -10.43
CA GLU B 337 -29.98 3.06 -11.29
C GLU B 337 -30.27 4.33 -10.48
N ALA B 338 -30.99 4.17 -9.37
CA ALA B 338 -31.33 5.31 -8.52
C ALA B 338 -30.07 5.84 -7.84
N ASN B 339 -29.20 4.94 -7.40
CA ASN B 339 -27.96 5.32 -6.73
C ASN B 339 -27.10 6.11 -7.73
N TYR B 340 -27.07 5.63 -8.97
CA TYR B 340 -26.28 6.28 -10.01
C TYR B 340 -26.81 7.68 -10.33
N ALA B 341 -28.13 7.84 -10.27
CA ALA B 341 -28.76 9.13 -10.56
C ALA B 341 -28.33 10.23 -9.59
N LYS B 342 -27.76 9.85 -8.46
CA LYS B 342 -27.33 10.82 -7.47
C LYS B 342 -26.02 11.53 -7.85
N THR B 343 -25.31 10.99 -8.83
CA THR B 343 -24.04 11.58 -9.26
C THR B 343 -23.90 11.62 -10.79
N GLN B 344 -24.84 11.00 -11.49
CA GLN B 344 -24.79 10.95 -12.95
C GLN B 344 -25.99 11.58 -13.63
N GLU B 345 -25.72 12.42 -14.63
CA GLU B 345 -26.76 13.09 -15.38
C GLU B 345 -26.37 13.09 -16.87
N VAL B 346 -27.37 13.04 -17.74
CA VAL B 346 -27.11 13.02 -19.17
C VAL B 346 -26.42 14.31 -19.62
N ILE B 347 -25.38 14.16 -20.43
CA ILE B 347 -24.63 15.31 -20.93
C ILE B 347 -24.55 15.27 -22.45
#